data_2ZYH
#
_entry.id   2ZYH
#
_cell.length_a   91.196
_cell.length_b   107.873
_cell.length_c   118.896
_cell.angle_alpha   90.00
_cell.angle_beta   90.00
_cell.angle_gamma   90.00
#
_symmetry.space_group_name_H-M   'P 21 21 21'
#
loop_
_entity.id
_entity.type
_entity.pdbx_description
1 polymer 'Lipase, putative'
2 non-polymer HEXADECANE
3 non-polymer 'CALCIUM ION'
4 water water
#
_entity_poly.entity_id   1
_entity_poly.type   'polypeptide(L)'
_entity_poly.pdbx_seq_one_letter_code
;MRGLAVLVLLVFAVQVAAAEDFRPVVFVHGLAGSAGQFESQGMRFAANGYPAEYVKTFEYDTISWALVVETDMLFSGLGS
EFGLNISQIIDPETLDKILSKSRERLIDETFSRLDRVIDEALAESGADKVDLVGHAMGTFFLVRYVNSSPERAAKVAHLI
LLDGVWGVDAPEGIPTLAVFGNPKALPALGLPEEKVVYNATNVYFNNMTHVQLCTSPETFAVMFEFINGYKPATTDIVPQ
DGDYVKVKGKFLAFATNGDVSGWLSIYPIDENGKRLTRLPVKFMRVKGDFEVRLRKGQLYEFQFRKDFSPIIYHYYRAPF
VRDDLWARFLVSKPPLDVELLILPERLSPAAKETSGLLLIRYKEMIGEYDEEIGGVDEVYVNGVNVCTERICPIERAVNG
LWVFDRGADGKSDLDREVVRYSIMPFMSAADLVVPAEGTISIAVKSRTGGEESFTIPAWSADRHSIIVQFSDYIV
;
_entity_poly.pdbx_strand_id   A,B
#
# COMPACT_ATOMS: atom_id res chain seq x y z
N GLU A 20 27.89 17.27 3.53
CA GLU A 20 27.16 18.55 3.27
C GLU A 20 26.31 18.92 4.47
N ASP A 21 25.01 18.98 4.26
CA ASP A 21 24.09 19.25 5.35
C ASP A 21 23.32 17.94 5.58
N PHE A 22 24.07 16.83 5.65
CA PHE A 22 23.53 15.47 5.88
C PHE A 22 24.06 14.91 7.22
N ARG A 23 23.35 13.94 7.80
CA ARG A 23 23.71 13.23 9.05
C ARG A 23 24.15 11.80 8.60
N PRO A 24 25.00 11.12 9.38
CA PRO A 24 25.47 9.77 9.06
C PRO A 24 24.32 8.76 9.16
N VAL A 25 24.44 7.64 8.43
CA VAL A 25 23.39 6.60 8.53
C VAL A 25 24.11 5.29 8.89
N VAL A 26 23.54 4.48 9.78
CA VAL A 26 24.13 3.18 10.18
C VAL A 26 23.12 2.03 9.92
N PHE A 27 23.55 1.02 9.16
CA PHE A 27 22.70 -0.16 8.79
C PHE A 27 23.07 -1.44 9.59
N VAL A 28 22.06 -2.18 10.04
CA VAL A 28 22.21 -3.44 10.80
C VAL A 28 21.45 -4.54 10.04
N HIS A 29 22.18 -5.56 9.60
CA HIS A 29 21.65 -6.70 8.84
C HIS A 29 20.86 -7.78 9.64
N GLY A 30 20.28 -8.76 8.93
CA GLY A 30 19.52 -9.82 9.58
C GLY A 30 20.23 -11.19 9.65
N LEU A 31 19.48 -12.25 9.92
CA LEU A 31 20.08 -13.60 10.06
C LEU A 31 20.75 -14.03 8.76
N ALA A 32 21.98 -14.52 8.87
CA ALA A 32 22.80 -14.94 7.72
C ALA A 32 23.16 -13.79 6.74
N GLY A 33 23.02 -12.54 7.19
CA GLY A 33 23.32 -11.37 6.35
C GLY A 33 24.67 -10.71 6.63
N SER A 34 24.95 -9.57 5.96
CA SER A 34 26.23 -8.81 6.13
C SER A 34 26.06 -7.40 5.50
N ALA A 35 27.13 -6.59 5.47
CA ALA A 35 27.07 -5.25 4.88
C ALA A 35 26.73 -5.29 3.41
N GLY A 36 26.83 -6.48 2.80
CA GLY A 36 26.53 -6.62 1.38
C GLY A 36 25.09 -6.21 0.99
N GLN A 37 24.13 -6.32 1.91
CA GLN A 37 22.75 -5.93 1.59
C GLN A 37 22.54 -4.39 1.59
N PHE A 38 23.59 -3.62 1.93
CA PHE A 38 23.46 -2.12 1.89
C PHE A 38 24.51 -1.55 0.93
N GLU A 39 25.21 -2.43 0.20
CA GLU A 39 26.24 -1.96 -0.74
C GLU A 39 25.64 -1.05 -1.84
N SER A 40 24.59 -1.51 -2.53
CA SER A 40 23.96 -0.66 -3.56
C SER A 40 23.32 0.61 -2.93
N GLN A 41 22.70 0.49 -1.75
CA GLN A 41 22.10 1.72 -1.13
C GLN A 41 23.22 2.75 -0.80
N GLY A 42 24.38 2.27 -0.31
CA GLY A 42 25.46 3.23 -0.03
C GLY A 42 25.88 3.99 -1.27
N MET A 43 26.01 3.30 -2.41
CA MET A 43 26.36 3.99 -3.65
C MET A 43 25.28 5.01 -4.10
N ARG A 44 23.99 4.72 -3.82
CA ARG A 44 22.91 5.67 -4.16
C ARG A 44 22.96 6.93 -3.25
N PHE A 45 23.20 6.75 -1.96
CA PHE A 45 23.31 7.91 -1.06
C PHE A 45 24.45 8.83 -1.52
N ALA A 46 25.62 8.26 -1.83
CA ALA A 46 26.76 9.06 -2.32
C ALA A 46 26.45 9.77 -3.66
N ALA A 47 25.73 9.10 -4.58
CA ALA A 47 25.36 9.73 -5.86
C ALA A 47 24.43 10.95 -5.65
N ASN A 48 23.80 11.05 -4.49
CA ASN A 48 22.93 12.19 -4.16
C ASN A 48 23.58 13.18 -3.19
N GLY A 49 24.90 13.15 -3.04
CA GLY A 49 25.55 14.17 -2.21
C GLY A 49 26.16 13.80 -0.86
N TYR A 50 25.86 12.61 -0.36
CA TYR A 50 26.44 12.22 0.93
C TYR A 50 27.93 11.88 0.75
N PRO A 51 28.79 12.24 1.74
CA PRO A 51 30.22 11.88 1.65
C PRO A 51 30.11 10.33 1.84
N ALA A 52 30.73 9.51 1.00
CA ALA A 52 30.59 8.03 1.16
C ALA A 52 30.89 7.50 2.55
N GLU A 53 31.87 8.10 3.23
CA GLU A 53 32.24 7.64 4.55
C GLU A 53 31.13 7.90 5.63
N TYR A 54 30.05 8.63 5.27
CA TYR A 54 28.93 8.89 6.22
C TYR A 54 27.97 7.68 6.29
N VAL A 55 28.13 6.70 5.39
CA VAL A 55 27.25 5.53 5.41
C VAL A 55 28.07 4.39 6.04
N LYS A 56 27.65 3.98 7.23
CA LYS A 56 28.34 2.93 8.02
C LYS A 56 27.50 1.66 8.18
N THR A 57 28.16 0.53 8.46
CA THR A 57 27.45 -0.72 8.70
C THR A 57 27.95 -1.33 10.02
N PHE A 58 27.10 -2.09 10.68
CA PHE A 58 27.47 -2.76 11.95
C PHE A 58 27.22 -4.24 11.72
N GLU A 59 28.27 -5.05 11.83
CA GLU A 59 28.15 -6.49 11.61
C GLU A 59 28.34 -7.28 12.92
N TYR A 60 27.66 -8.42 13.03
CA TYR A 60 27.66 -9.24 14.24
C TYR A 60 27.37 -10.75 13.94
N ASP A 61 27.65 -11.64 14.91
CA ASP A 61 27.43 -13.09 14.74
C ASP A 61 25.93 -13.40 14.94
N THR A 62 25.23 -13.75 13.85
CA THR A 62 23.80 -13.99 13.88
C THR A 62 23.35 -15.34 14.42
N ILE A 63 24.25 -16.31 14.39
CA ILE A 63 23.97 -17.65 14.94
C ILE A 63 23.85 -17.53 16.46
N SER A 64 24.86 -17.00 17.15
CA SER A 64 24.77 -16.80 18.62
C SER A 64 23.64 -15.83 19.01
N TRP A 65 23.46 -14.74 18.26
CA TRP A 65 22.40 -13.77 18.61
C TRP A 65 21.01 -14.43 18.53
N ALA A 66 20.73 -15.17 17.45
CA ALA A 66 19.43 -15.82 17.33
C ALA A 66 19.16 -16.84 18.44
N LEU A 67 20.14 -17.71 18.70
CA LEU A 67 19.98 -18.78 19.71
C LEU A 67 19.95 -18.33 21.18
N VAL A 68 20.73 -17.33 21.49
CA VAL A 68 20.84 -16.82 22.86
C VAL A 68 19.87 -15.70 23.19
N VAL A 69 19.69 -14.76 22.26
CA VAL A 69 18.82 -13.62 22.52
C VAL A 69 17.41 -13.74 21.90
N GLU A 70 17.31 -14.19 20.65
CA GLU A 70 15.99 -14.26 19.99
C GLU A 70 15.41 -15.67 19.89
N THR A 71 15.52 -16.45 20.98
CA THR A 71 15.02 -17.82 20.95
C THR A 71 13.52 -17.85 20.62
N ASP A 72 12.81 -16.81 21.05
CA ASP A 72 11.38 -16.64 20.83
C ASP A 72 10.99 -16.64 19.35
N MET A 73 11.61 -15.71 18.62
CA MET A 73 11.39 -15.55 17.19
C MET A 73 11.74 -16.82 16.41
N LEU A 74 12.84 -17.44 16.84
CA LEU A 74 13.38 -18.64 16.20
C LEU A 74 12.47 -19.86 16.22
N PHE A 75 11.77 -20.09 17.33
CA PHE A 75 10.87 -21.23 17.46
C PHE A 75 9.41 -20.83 17.70
N SER A 76 9.10 -19.59 17.33
CA SER A 76 7.75 -19.07 17.42
C SER A 76 7.43 -18.07 16.28
N GLY A 77 7.72 -18.51 15.06
CA GLY A 77 7.45 -17.75 13.84
C GLY A 77 7.77 -16.28 13.67
N LEU A 78 7.93 -15.50 14.75
CA LEU A 78 8.24 -14.07 14.59
C LEU A 78 9.29 -14.02 13.47
N GLY A 79 10.09 -15.08 13.42
CA GLY A 79 11.13 -15.21 12.43
C GLY A 79 10.83 -16.28 11.39
N SER A 80 11.88 -17.02 11.03
CA SER A 80 11.75 -18.03 10.01
C SER A 80 11.89 -19.49 10.46
N GLU A 81 12.40 -20.26 9.51
CA GLU A 81 12.61 -21.67 9.62
C GLU A 81 14.07 -22.07 9.89
N PHE A 82 14.85 -21.18 10.48
CA PHE A 82 16.21 -21.55 10.80
C PHE A 82 16.10 -22.49 12.00
N GLY A 83 15.18 -22.16 12.90
CA GLY A 83 14.98 -22.99 14.07
C GLY A 83 14.89 -24.45 13.69
N LEU A 84 14.13 -24.73 12.64
CA LEU A 84 13.93 -26.09 12.15
C LEU A 84 15.25 -26.74 11.72
N ASN A 85 16.18 -25.92 11.24
CA ASN A 85 17.46 -26.44 10.77
C ASN A 85 18.69 -26.00 11.59
N ILE A 86 18.55 -26.07 12.92
CA ILE A 86 19.65 -25.69 13.81
C ILE A 86 20.27 -26.97 14.34
N SER A 87 19.42 -27.88 14.80
CA SER A 87 19.87 -29.16 15.34
C SER A 87 20.44 -29.99 14.21
N GLN A 88 19.94 -29.75 13.00
CA GLN A 88 20.39 -30.49 11.84
C GLN A 88 21.75 -30.03 11.34
N ILE A 89 22.03 -28.73 11.48
CA ILE A 89 23.30 -28.18 11.00
C ILE A 89 24.42 -28.10 12.02
N ILE A 90 24.18 -27.43 13.14
CA ILE A 90 25.20 -27.27 14.15
C ILE A 90 25.40 -28.49 15.06
N ASP A 91 26.67 -28.82 15.24
CA ASP A 91 27.08 -29.95 16.06
C ASP A 91 26.52 -29.82 17.49
N PRO A 92 25.69 -30.78 17.93
CA PRO A 92 25.04 -30.85 19.25
C PRO A 92 25.87 -30.40 20.47
N GLU A 93 27.19 -30.49 20.36
CA GLU A 93 28.11 -30.08 21.42
C GLU A 93 28.38 -28.59 21.31
N THR A 94 28.68 -28.17 20.08
CA THR A 94 28.96 -26.79 19.76
C THR A 94 27.75 -25.97 20.18
N LEU A 95 26.57 -26.52 19.94
CA LEU A 95 25.33 -25.89 20.28
C LEU A 95 25.27 -25.69 21.80
N ASP A 96 25.77 -26.68 22.54
CA ASP A 96 25.76 -26.56 24.00
C ASP A 96 26.71 -25.45 24.45
N LYS A 97 27.87 -25.33 23.80
CA LYS A 97 28.81 -24.26 24.16
C LYS A 97 28.17 -22.88 23.90
N ILE A 98 27.51 -22.74 22.75
CA ILE A 98 26.86 -21.49 22.41
C ILE A 98 25.76 -21.15 23.43
N LEU A 99 24.93 -22.13 23.77
CA LEU A 99 23.83 -21.92 24.72
C LEU A 99 24.26 -21.66 26.17
N SER A 100 25.52 -21.93 26.49
CA SER A 100 26.02 -21.71 27.85
C SER A 100 26.45 -20.26 28.05
N LYS A 101 26.48 -19.49 26.97
CA LYS A 101 26.88 -18.09 27.07
C LYS A 101 25.82 -17.35 27.88
N SER A 102 26.23 -16.34 28.64
CA SER A 102 25.29 -15.53 29.41
C SER A 102 24.53 -14.55 28.50
N ARG A 103 23.21 -14.53 28.56
CA ARG A 103 22.40 -13.61 27.73
C ARG A 103 22.62 -12.11 28.07
N GLU A 104 22.55 -11.73 29.36
CA GLU A 104 22.76 -10.31 29.71
C GLU A 104 24.14 -9.83 29.29
N ARG A 105 25.11 -10.74 29.34
CA ARG A 105 26.48 -10.43 28.97
C ARG A 105 26.62 -10.22 27.46
N LEU A 106 25.98 -11.10 26.67
CA LEU A 106 26.07 -10.95 25.22
C LEU A 106 25.38 -9.65 24.79
N ILE A 107 24.21 -9.36 25.35
CA ILE A 107 23.47 -8.13 25.03
C ILE A 107 24.32 -6.91 25.36
N ASP A 108 24.83 -6.85 26.59
CA ASP A 108 25.68 -5.71 26.98
C ASP A 108 26.92 -5.47 26.12
N GLU A 109 27.73 -6.51 25.88
CA GLU A 109 28.94 -6.34 25.08
C GLU A 109 28.68 -5.97 23.60
N THR A 110 27.60 -6.49 23.02
CA THR A 110 27.32 -6.15 21.61
C THR A 110 26.80 -4.72 21.45
N PHE A 111 25.91 -4.29 22.35
CA PHE A 111 25.38 -2.94 22.34
C PHE A 111 26.51 -1.92 22.60
N SER A 112 27.49 -2.27 23.46
CA SER A 112 28.56 -1.31 23.70
C SER A 112 29.42 -1.15 22.45
N ARG A 113 29.53 -2.19 21.62
CA ARG A 113 30.28 -2.08 20.37
C ARG A 113 29.51 -1.14 19.39
N LEU A 114 28.19 -1.25 19.29
CA LEU A 114 27.45 -0.34 18.39
C LEU A 114 27.61 1.11 18.92
N ASP A 115 27.65 1.29 20.24
CA ASP A 115 27.85 2.64 20.82
C ASP A 115 29.09 3.31 20.22
N ARG A 116 30.17 2.53 20.16
CA ARG A 116 31.45 3.04 19.63
C ARG A 116 31.37 3.38 18.14
N VAL A 117 30.58 2.63 17.39
CA VAL A 117 30.45 2.95 15.96
C VAL A 117 29.66 4.26 15.81
N ILE A 118 28.62 4.44 16.63
CA ILE A 118 27.82 5.67 16.54
C ILE A 118 28.65 6.90 17.00
N ASP A 119 29.32 6.78 18.16
CA ASP A 119 30.15 7.91 18.64
C ASP A 119 31.25 8.31 17.64
N GLU A 120 31.84 7.36 16.93
CA GLU A 120 32.88 7.71 15.97
C GLU A 120 32.30 8.44 14.72
N ALA A 121 31.08 8.07 14.31
CA ALA A 121 30.39 8.72 13.18
C ALA A 121 30.04 10.17 13.60
N LEU A 122 29.56 10.36 14.82
CA LEU A 122 29.25 11.73 15.28
C LEU A 122 30.55 12.61 15.31
N ALA A 123 31.65 12.08 15.86
CA ALA A 123 32.89 12.87 15.93
C ALA A 123 33.45 13.22 14.56
N GLU A 124 33.34 12.29 13.61
CA GLU A 124 33.83 12.51 12.27
C GLU A 124 33.02 13.53 11.45
N SER A 125 31.71 13.58 11.67
CA SER A 125 30.82 14.49 10.91
C SER A 125 30.42 15.79 11.60
N GLY A 126 30.54 15.83 12.92
CA GLY A 126 30.13 17.00 13.65
C GLY A 126 28.62 16.99 13.95
N ALA A 127 27.90 15.96 13.49
CA ALA A 127 26.46 15.86 13.76
C ALA A 127 26.16 15.58 15.23
N ASP A 128 24.92 15.82 15.67
CA ASP A 128 24.52 15.55 17.05
C ASP A 128 23.73 14.22 17.16
N LYS A 129 23.21 13.75 16.03
CA LYS A 129 22.42 12.50 16.00
C LYS A 129 22.65 11.75 14.68
N VAL A 130 22.32 10.45 14.65
CA VAL A 130 22.45 9.64 13.45
C VAL A 130 21.10 9.02 13.05
N ASP A 131 21.02 8.48 11.82
CA ASP A 131 19.79 7.77 11.36
C ASP A 131 20.13 6.26 11.40
N LEU A 132 19.21 5.42 11.91
CA LEU A 132 19.45 3.94 12.00
C LEU A 132 18.49 3.15 11.10
N VAL A 133 19.02 2.15 10.38
CA VAL A 133 18.20 1.32 9.49
C VAL A 133 18.45 -0.18 9.78
N GLY A 134 17.39 -0.95 9.98
CA GLY A 134 17.54 -2.40 10.20
C GLY A 134 16.75 -3.26 9.19
N HIS A 135 17.24 -4.47 8.89
CA HIS A 135 16.52 -5.41 7.96
C HIS A 135 16.29 -6.74 8.68
N ALA A 136 15.04 -7.20 8.66
CA ALA A 136 14.68 -8.53 9.24
C ALA A 136 15.07 -8.67 10.70
N MET A 137 15.90 -9.66 11.06
CA MET A 137 16.28 -9.79 12.48
C MET A 137 16.94 -8.52 13.00
N GLY A 138 17.58 -7.74 12.12
CA GLY A 138 18.18 -6.47 12.56
C GLY A 138 17.16 -5.45 13.12
N THR A 139 15.87 -5.58 12.76
CA THR A 139 14.84 -4.68 13.31
C THR A 139 14.60 -5.02 14.85
N PHE A 140 14.58 -6.32 15.18
CA PHE A 140 14.41 -6.76 16.56
C PHE A 140 15.59 -6.22 17.38
N PHE A 141 16.79 -6.34 16.81
CA PHE A 141 18.04 -5.87 17.44
C PHE A 141 17.95 -4.37 17.75
N LEU A 142 17.57 -3.58 16.75
CA LEU A 142 17.51 -2.13 16.97
C LEU A 142 16.39 -1.62 17.90
N VAL A 143 15.22 -2.26 17.92
CA VAL A 143 14.16 -1.80 18.82
C VAL A 143 14.64 -2.04 20.28
N ARG A 144 15.29 -3.16 20.54
CA ARG A 144 15.81 -3.41 21.90
C ARG A 144 16.95 -2.41 22.24
N TYR A 145 17.83 -2.14 21.27
CA TYR A 145 18.93 -1.20 21.48
C TYR A 145 18.43 0.23 21.84
N VAL A 146 17.49 0.78 21.05
CA VAL A 146 17.00 2.15 21.32
C VAL A 146 16.18 2.26 22.65
N ASN A 147 15.53 1.16 23.01
CA ASN A 147 14.72 1.07 24.23
C ASN A 147 15.61 0.82 25.48
N SER A 148 16.87 0.44 25.31
CA SER A 148 17.72 0.09 26.45
C SER A 148 18.16 1.23 27.41
N SER A 149 18.23 2.46 26.92
CA SER A 149 18.59 3.62 27.77
C SER A 149 18.27 4.96 27.10
N PRO A 150 17.95 5.99 27.90
CA PRO A 150 17.63 7.33 27.41
C PRO A 150 18.83 7.92 26.67
N GLU A 151 20.02 7.64 27.20
CA GLU A 151 21.26 8.12 26.59
C GLU A 151 21.42 7.64 25.15
N ARG A 152 21.13 6.37 24.90
CA ARG A 152 21.29 5.83 23.55
C ARG A 152 20.22 6.44 22.62
N ALA A 153 18.97 6.54 23.08
CA ALA A 153 17.93 7.08 22.18
C ALA A 153 18.14 8.57 21.85
N ALA A 154 18.76 9.31 22.76
CA ALA A 154 18.97 10.72 22.51
C ALA A 154 19.90 11.00 21.33
N LYS A 155 20.58 9.97 20.84
CA LYS A 155 21.50 10.17 19.73
C LYS A 155 20.89 9.73 18.36
N VAL A 156 19.60 9.37 18.36
CA VAL A 156 18.87 8.92 17.14
C VAL A 156 17.83 9.92 16.61
N ALA A 157 17.97 10.33 15.34
CA ALA A 157 17.07 11.27 14.66
C ALA A 157 15.87 10.57 13.98
N HIS A 158 16.12 9.39 13.37
CA HIS A 158 15.08 8.59 12.68
C HIS A 158 15.43 7.10 12.76
N LEU A 159 14.41 6.24 12.82
CA LEU A 159 14.57 4.75 12.86
C LEU A 159 13.75 4.14 11.70
N ILE A 160 14.39 3.32 10.87
CA ILE A 160 13.69 2.71 9.70
C ILE A 160 13.70 1.16 9.87
N LEU A 161 12.54 0.53 9.84
CA LEU A 161 12.45 -0.94 10.06
C LEU A 161 11.99 -1.66 8.77
N LEU A 162 12.91 -2.37 8.11
CA LEU A 162 12.61 -3.05 6.84
C LEU A 162 12.23 -4.56 6.90
N ASP A 163 10.98 -4.86 6.56
CA ASP A 163 10.45 -6.22 6.50
C ASP A 163 10.87 -7.12 7.67
N GLY A 164 10.60 -6.66 8.89
CA GLY A 164 10.95 -7.44 10.06
C GLY A 164 9.81 -7.52 11.08
N VAL A 165 10.08 -7.02 12.27
CA VAL A 165 9.13 -7.06 13.39
C VAL A 165 7.83 -6.26 13.15
N TRP A 166 6.73 -6.72 13.75
CA TRP A 166 5.43 -6.03 13.70
C TRP A 166 4.65 -6.33 14.98
N GLY A 167 3.59 -5.57 15.25
CA GLY A 167 2.81 -5.85 16.43
C GLY A 167 3.41 -5.35 17.74
N VAL A 168 4.32 -4.38 17.65
CA VAL A 168 4.96 -3.76 18.83
C VAL A 168 4.98 -2.21 18.67
N ASP A 169 5.20 -1.48 19.77
CA ASP A 169 5.24 -0.01 19.76
C ASP A 169 6.56 0.52 19.23
N ALA A 170 6.51 1.61 18.45
CA ALA A 170 7.75 2.24 17.98
C ALA A 170 8.37 2.84 19.24
N PRO A 171 9.71 2.93 19.32
CA PRO A 171 10.30 3.51 20.54
C PRO A 171 9.78 4.92 20.80
N GLU A 172 9.60 5.23 22.08
CA GLU A 172 9.10 6.53 22.55
C GLU A 172 9.87 7.75 22.06
N GLY A 173 9.16 8.66 21.39
CA GLY A 173 9.80 9.88 20.92
C GLY A 173 10.75 9.86 19.72
N ILE A 174 10.90 8.73 19.03
CA ILE A 174 11.79 8.65 17.87
C ILE A 174 10.93 8.39 16.62
N PRO A 175 10.97 9.28 15.58
CA PRO A 175 10.19 9.12 14.33
C PRO A 175 10.60 7.80 13.74
N THR A 176 9.63 6.93 13.45
CA THR A 176 9.94 5.59 12.93
C THR A 176 9.15 5.29 11.64
N LEU A 177 9.77 4.59 10.70
CA LEU A 177 9.11 4.21 9.42
C LEU A 177 9.26 2.69 9.31
N ALA A 178 8.16 1.97 9.04
CA ALA A 178 8.21 0.52 8.85
C ALA A 178 7.75 0.22 7.39
N VAL A 179 8.50 -0.61 6.65
CA VAL A 179 8.19 -0.93 5.25
C VAL A 179 8.06 -2.47 5.09
N PHE A 180 6.90 -2.95 4.62
CA PHE A 180 6.67 -4.41 4.48
C PHE A 180 6.50 -4.84 3.00
N GLY A 181 6.94 -6.09 2.71
CA GLY A 181 6.89 -6.67 1.38
C GLY A 181 5.84 -7.77 1.18
N ASN A 182 5.89 -8.50 0.06
CA ASN A 182 4.89 -9.54 -0.20
C ASN A 182 4.92 -10.65 0.82
N PRO A 183 3.78 -10.88 1.50
CA PRO A 183 3.65 -11.92 2.53
C PRO A 183 3.97 -13.34 2.03
N LYS A 184 3.41 -13.74 0.88
CA LYS A 184 3.67 -15.08 0.30
C LYS A 184 5.18 -15.33 0.28
N ALA A 185 5.93 -14.27 0.00
CA ALA A 185 7.40 -14.26 -0.09
C ALA A 185 8.08 -15.42 0.58
N LEU A 186 7.75 -15.66 1.85
CA LEU A 186 8.34 -16.76 2.60
C LEU A 186 7.20 -17.40 3.43
N PRO A 187 7.51 -18.08 4.58
CA PRO A 187 6.37 -18.66 5.31
C PRO A 187 5.33 -17.62 5.77
N ALA A 188 4.38 -17.31 4.88
CA ALA A 188 3.31 -16.33 5.16
C ALA A 188 2.20 -16.89 6.03
N LEU A 189 2.51 -17.99 6.72
CA LEU A 189 1.58 -18.70 7.60
C LEU A 189 1.01 -17.77 8.67
N GLY A 190 1.57 -16.57 8.76
CA GLY A 190 1.12 -15.59 9.74
C GLY A 190 0.28 -14.49 9.13
N LEU A 191 0.41 -13.27 9.66
CA LEU A 191 -0.36 -12.12 9.16
C LEU A 191 -0.14 -11.84 7.66
N PRO A 192 -1.23 -11.77 6.87
CA PRO A 192 -1.19 -11.51 5.44
C PRO A 192 -1.51 -10.10 4.92
N GLU A 193 -0.47 -9.34 4.58
CA GLU A 193 -0.64 -7.99 4.03
C GLU A 193 -1.03 -6.96 5.10
N GLU A 194 -1.18 -7.42 6.33
CA GLU A 194 -1.53 -6.55 7.44
C GLU A 194 -0.60 -6.67 8.65
N LYS A 195 0.55 -6.03 8.52
CA LYS A 195 1.53 -5.97 9.58
C LYS A 195 1.64 -4.47 9.87
N VAL A 196 1.65 -4.12 11.16
CA VAL A 196 1.70 -2.73 11.58
C VAL A 196 2.59 -2.52 12.81
N VAL A 197 3.39 -1.45 12.83
CA VAL A 197 4.18 -1.10 14.02
C VAL A 197 3.38 0.08 14.61
N TYR A 198 3.04 0.01 15.92
CA TYR A 198 2.21 1.08 16.51
C TYR A 198 2.91 2.43 16.63
N ASN A 199 2.21 3.50 16.24
CA ASN A 199 2.78 4.86 16.31
C ASN A 199 3.85 5.18 15.23
N ALA A 200 4.07 4.28 14.29
CA ALA A 200 5.04 4.53 13.21
C ALA A 200 4.31 4.83 11.91
N THR A 201 5.03 5.37 10.92
CA THR A 201 4.42 5.56 9.60
C THR A 201 4.58 4.16 8.96
N ASN A 202 3.51 3.49 8.49
CA ASN A 202 3.69 2.15 7.87
C ASN A 202 3.31 2.19 6.39
N VAL A 203 4.14 1.61 5.48
CA VAL A 203 3.82 1.56 4.04
C VAL A 203 4.10 0.15 3.46
N TYR A 204 3.56 -0.14 2.27
CA TYR A 204 3.66 -1.48 1.70
C TYR A 204 4.08 -1.56 0.23
N PHE A 205 4.89 -2.58 -0.10
CA PHE A 205 5.37 -2.86 -1.48
C PHE A 205 5.04 -4.34 -1.74
N ASN A 206 3.79 -4.60 -2.13
CA ASN A 206 3.35 -5.97 -2.33
C ASN A 206 3.95 -6.75 -3.53
N ASN A 207 4.74 -6.07 -4.35
CA ASN A 207 5.38 -6.70 -5.51
C ASN A 207 6.85 -7.15 -5.24
N MET A 208 7.34 -6.98 -4.00
CA MET A 208 8.72 -7.31 -3.62
C MET A 208 8.92 -8.49 -2.67
N THR A 209 9.98 -9.27 -2.90
CA THR A 209 10.33 -10.38 -2.01
C THR A 209 11.23 -9.84 -0.86
N HIS A 210 11.62 -10.72 0.07
CA HIS A 210 12.35 -10.34 1.31
C HIS A 210 13.67 -9.55 1.19
N VAL A 211 14.71 -10.11 0.57
CA VAL A 211 15.99 -9.40 0.43
C VAL A 211 15.88 -8.31 -0.65
N GLN A 212 15.08 -8.57 -1.71
CA GLN A 212 14.85 -7.58 -2.78
C GLN A 212 14.40 -6.24 -2.15
N LEU A 213 13.51 -6.30 -1.16
CA LEU A 213 13.01 -5.04 -0.51
C LEU A 213 14.12 -4.24 0.13
N CYS A 214 15.09 -4.94 0.72
CA CYS A 214 16.23 -4.25 1.32
C CYS A 214 17.15 -3.55 0.31
N THR A 215 17.31 -4.09 -0.92
CA THR A 215 18.27 -3.52 -1.88
C THR A 215 17.65 -2.70 -3.05
N SER A 216 16.32 -2.60 -3.08
CA SER A 216 15.62 -1.95 -4.19
C SER A 216 15.74 -0.43 -4.33
N PRO A 217 15.77 0.10 -5.59
CA PRO A 217 15.84 1.57 -5.74
C PRO A 217 14.56 2.28 -5.27
N GLU A 218 13.43 1.57 -5.24
CA GLU A 218 12.17 2.20 -4.78
C GLU A 218 12.24 2.36 -3.25
N THR A 219 12.79 1.35 -2.55
CA THR A 219 12.97 1.48 -1.09
C THR A 219 13.92 2.64 -0.79
N PHE A 220 14.98 2.79 -1.60
CA PHE A 220 15.91 3.91 -1.38
C PHE A 220 15.16 5.25 -1.46
N ALA A 221 14.33 5.46 -2.49
CA ALA A 221 13.61 6.76 -2.58
C ALA A 221 12.74 7.04 -1.32
N VAL A 222 12.06 6.00 -0.82
CA VAL A 222 11.25 6.15 0.36
C VAL A 222 12.07 6.51 1.61
N MET A 223 13.20 5.80 1.86
CA MET A 223 14.05 6.10 3.04
C MET A 223 14.64 7.53 2.96
N PHE A 224 15.11 7.91 1.76
CA PHE A 224 15.74 9.25 1.58
C PHE A 224 14.73 10.37 1.85
N GLU A 225 13.51 10.23 1.35
CA GLU A 225 12.52 11.28 1.63
C GLU A 225 12.11 11.34 3.13
N PHE A 226 12.04 10.18 3.81
CA PHE A 226 11.66 10.13 5.23
C PHE A 226 12.66 10.87 6.10
N ILE A 227 13.95 10.71 5.79
CA ILE A 227 14.99 11.36 6.60
C ILE A 227 15.47 12.74 6.18
N ASN A 228 15.23 13.11 4.92
CA ASN A 228 15.69 14.41 4.39
C ASN A 228 14.57 15.41 4.01
N GLY A 229 13.33 14.93 3.81
CA GLY A 229 12.24 15.86 3.46
C GLY A 229 11.99 16.21 1.99
N TYR A 230 12.74 15.60 1.07
CA TYR A 230 12.56 15.82 -0.34
C TYR A 230 12.93 14.57 -1.14
N LYS A 231 12.43 14.49 -2.36
CA LYS A 231 12.71 13.35 -3.25
C LYS A 231 14.11 13.45 -3.83
N PRO A 232 14.87 12.33 -3.82
CA PRO A 232 16.23 12.40 -4.39
C PRO A 232 16.17 12.68 -5.91
N ALA A 233 17.17 13.38 -6.43
CA ALA A 233 17.23 13.69 -7.86
C ALA A 233 17.40 12.42 -8.70
N THR A 234 18.08 11.41 -8.15
CA THR A 234 18.26 10.15 -8.90
C THR A 234 18.23 8.90 -7.97
N THR A 235 17.85 7.72 -8.52
CA THR A 235 17.94 6.47 -7.75
C THR A 235 18.96 5.54 -8.46
N ASP A 236 19.61 6.03 -9.54
CA ASP A 236 20.58 5.22 -10.32
C ASP A 236 21.97 5.17 -9.67
N ILE A 237 22.76 4.14 -10.05
CA ILE A 237 24.13 4.09 -9.55
C ILE A 237 24.95 4.82 -10.62
N VAL A 238 25.15 6.12 -10.38
CA VAL A 238 25.82 7.03 -11.30
C VAL A 238 27.36 6.89 -11.36
N PRO A 239 27.94 6.52 -12.52
CA PRO A 239 29.40 6.40 -12.64
C PRO A 239 30.08 7.76 -12.37
N GLN A 240 31.17 7.77 -11.62
CA GLN A 240 31.79 9.04 -11.32
C GLN A 240 32.83 9.44 -12.39
N ASP A 241 33.30 10.69 -12.38
CA ASP A 241 34.31 11.05 -13.38
C ASP A 241 35.67 10.57 -12.89
N GLY A 242 36.64 10.46 -13.79
CA GLY A 242 37.95 10.03 -13.33
C GLY A 242 38.25 8.62 -13.74
N ASP A 243 39.54 8.28 -13.84
CA ASP A 243 39.94 6.95 -14.29
C ASP A 243 39.92 5.85 -13.23
N TYR A 244 40.05 6.25 -11.96
CA TYR A 244 40.14 5.35 -10.81
C TYR A 244 38.98 5.38 -9.77
N VAL A 245 38.83 4.28 -9.03
CA VAL A 245 37.87 4.17 -7.94
C VAL A 245 38.55 3.62 -6.68
N LYS A 246 38.07 4.05 -5.52
CA LYS A 246 38.56 3.55 -4.24
C LYS A 246 37.64 2.39 -3.79
N VAL A 247 38.22 1.23 -3.48
CA VAL A 247 37.44 0.08 -2.97
C VAL A 247 37.87 -0.37 -1.54
N LYS A 248 36.92 -0.40 -0.59
CA LYS A 248 37.20 -0.92 0.76
C LYS A 248 36.32 -2.17 0.90
N GLY A 249 36.92 -3.32 1.26
CA GLY A 249 36.16 -4.56 1.37
C GLY A 249 36.64 -5.42 2.54
N LYS A 250 36.03 -6.60 2.71
CA LYS A 250 36.41 -7.51 3.78
C LYS A 250 36.12 -8.97 3.41
N PHE A 251 37.00 -9.89 3.83
CA PHE A 251 36.81 -11.33 3.64
C PHE A 251 36.33 -11.78 5.05
N LEU A 252 35.15 -12.41 5.14
CA LEU A 252 34.57 -12.77 6.45
C LEU A 252 33.79 -14.04 6.39
N ALA A 253 33.59 -14.71 7.53
CA ALA A 253 32.83 -15.95 7.59
C ALA A 253 31.31 -15.80 7.37
N PHE A 254 30.75 -16.67 6.54
CA PHE A 254 29.29 -16.65 6.31
C PHE A 254 28.53 -16.88 7.61
N ALA A 255 27.57 -15.99 7.86
CA ALA A 255 26.65 -16.03 9.01
C ALA A 255 27.24 -15.60 10.37
N THR A 256 28.40 -16.15 10.73
CA THR A 256 29.02 -15.77 11.99
C THR A 256 29.82 -14.45 11.86
N ASN A 257 30.24 -14.11 10.63
CA ASN A 257 30.91 -12.82 10.30
C ASN A 257 32.26 -12.45 10.93
N GLY A 258 33.04 -13.43 11.39
CA GLY A 258 34.36 -13.10 11.89
C GLY A 258 35.38 -12.88 10.76
N ASP A 259 36.40 -12.06 11.02
CA ASP A 259 37.48 -11.77 10.06
C ASP A 259 38.19 -13.07 9.57
N VAL A 260 38.44 -13.18 8.26
CA VAL A 260 39.17 -14.33 7.72
C VAL A 260 40.56 -13.91 7.21
N SER A 261 41.59 -14.73 7.49
CA SER A 261 42.97 -14.41 7.04
C SER A 261 43.42 -15.20 5.77
N GLY A 262 44.15 -14.54 4.87
CA GLY A 262 44.64 -15.20 3.65
C GLY A 262 45.46 -14.33 2.71
N TRP A 263 45.61 -14.76 1.45
CA TRP A 263 46.39 -14.04 0.42
C TRP A 263 45.51 -13.69 -0.80
N LEU A 264 45.51 -12.42 -1.19
CA LEU A 264 44.70 -11.89 -2.32
C LEU A 264 45.53 -11.43 -3.55
N SER A 265 45.20 -11.96 -4.74
CA SER A 265 45.85 -11.60 -6.00
C SER A 265 44.75 -11.02 -6.93
N ILE A 266 44.91 -9.79 -7.44
CA ILE A 266 43.87 -9.17 -8.32
C ILE A 266 44.43 -9.05 -9.74
N TYR A 267 43.69 -9.58 -10.74
CA TYR A 267 44.10 -9.53 -12.13
C TYR A 267 43.05 -8.91 -13.08
N PRO A 268 43.46 -7.94 -13.92
CA PRO A 268 42.47 -7.37 -14.87
C PRO A 268 42.25 -8.51 -15.91
N ILE A 269 41.03 -8.71 -16.42
CA ILE A 269 40.76 -9.80 -17.41
C ILE A 269 40.03 -9.33 -18.68
N ASP A 270 40.16 -10.08 -19.80
CA ASP A 270 39.46 -9.70 -21.03
C ASP A 270 38.02 -10.26 -21.12
N GLU A 271 37.35 -10.09 -22.27
CA GLU A 271 35.96 -10.53 -22.40
C GLU A 271 35.72 -12.05 -22.27
N ASN A 272 36.78 -12.85 -22.31
CA ASN A 272 36.65 -14.30 -22.16
C ASN A 272 37.23 -14.76 -20.81
N GLY A 273 37.58 -13.80 -19.96
CA GLY A 273 38.13 -14.17 -18.66
C GLY A 273 39.61 -14.47 -18.60
N LYS A 274 40.34 -14.22 -19.70
CA LYS A 274 41.77 -14.47 -19.73
C LYS A 274 42.55 -13.31 -19.03
N ARG A 275 43.54 -13.65 -18.18
CA ARG A 275 44.32 -12.62 -17.45
C ARG A 275 45.16 -11.79 -18.43
N LEU A 276 45.05 -10.45 -18.33
CA LEU A 276 45.76 -9.52 -19.22
C LEU A 276 47.20 -9.21 -18.80
N THR A 277 47.56 -9.54 -17.55
CA THR A 277 48.92 -9.29 -17.07
C THR A 277 49.61 -10.53 -16.55
N ARG A 278 50.95 -10.52 -16.62
CA ARG A 278 51.78 -11.62 -16.20
C ARG A 278 51.78 -11.82 -14.72
N LEU A 279 51.89 -10.70 -13.98
CA LEU A 279 51.86 -10.73 -12.52
C LEU A 279 50.56 -10.02 -12.09
N PRO A 280 50.10 -10.23 -10.84
CA PRO A 280 48.86 -9.53 -10.44
C PRO A 280 49.08 -8.02 -10.33
N VAL A 281 48.04 -7.20 -10.53
CA VAL A 281 48.24 -5.75 -10.39
C VAL A 281 48.27 -5.35 -8.92
N LYS A 282 47.69 -6.17 -8.06
CA LYS A 282 47.74 -5.94 -6.61
C LYS A 282 47.91 -7.31 -5.95
N PHE A 283 48.81 -7.42 -4.97
CA PHE A 283 49.06 -8.67 -4.22
C PHE A 283 49.17 -8.32 -2.74
N MET A 284 48.39 -8.94 -1.86
CA MET A 284 48.47 -8.59 -0.43
C MET A 284 48.04 -9.65 0.57
N ARG A 285 48.57 -9.55 1.80
CA ARG A 285 48.17 -10.47 2.86
C ARG A 285 46.94 -9.75 3.47
N VAL A 286 45.82 -10.44 3.61
CA VAL A 286 44.62 -9.83 4.18
C VAL A 286 44.25 -10.46 5.52
N LYS A 287 43.81 -9.63 6.45
CA LYS A 287 43.32 -10.12 7.74
C LYS A 287 41.99 -9.34 7.89
N GLY A 288 40.91 -9.92 7.34
CA GLY A 288 39.62 -9.23 7.40
C GLY A 288 39.49 -8.11 6.36
N ASP A 289 39.58 -6.85 6.81
CA ASP A 289 39.43 -5.65 5.96
C ASP A 289 40.63 -5.36 5.07
N PHE A 290 40.38 -4.81 3.87
CA PHE A 290 41.47 -4.42 2.95
C PHE A 290 41.01 -3.17 2.18
N GLU A 291 41.95 -2.43 1.56
CA GLU A 291 41.62 -1.22 0.78
C GLU A 291 42.57 -1.16 -0.42
N VAL A 292 42.03 -0.87 -1.61
CA VAL A 292 42.84 -0.82 -2.84
C VAL A 292 42.27 0.21 -3.87
N ARG A 293 43.15 0.74 -4.74
CA ARG A 293 42.73 1.66 -5.79
C ARG A 293 42.69 0.86 -7.11
N LEU A 294 41.56 0.88 -7.81
CA LEU A 294 41.41 0.12 -9.08
C LEU A 294 40.89 1.02 -10.24
N ARG A 295 40.84 0.49 -11.47
CA ARG A 295 40.36 1.23 -12.64
C ARG A 295 38.84 1.16 -12.79
N LYS A 296 38.21 2.33 -13.02
CA LYS A 296 36.76 2.40 -13.22
C LYS A 296 36.38 1.67 -14.50
N GLY A 297 35.29 0.90 -14.45
CA GLY A 297 34.82 0.18 -15.64
C GLY A 297 35.57 -1.05 -16.10
N GLN A 298 36.65 -1.42 -15.40
CA GLN A 298 37.45 -2.60 -15.81
C GLN A 298 37.02 -3.94 -15.15
N LEU A 299 36.91 -5.00 -15.94
CA LEU A 299 36.58 -6.33 -15.38
C LEU A 299 37.81 -6.92 -14.64
N TYR A 300 37.57 -7.52 -13.46
CA TYR A 300 38.67 -8.13 -12.64
C TYR A 300 38.33 -9.51 -12.07
N GLU A 301 39.37 -10.31 -11.81
CA GLU A 301 39.24 -11.61 -11.14
C GLU A 301 39.91 -11.39 -9.74
N PHE A 302 39.24 -11.76 -8.65
CA PHE A 302 39.83 -11.63 -7.28
C PHE A 302 40.17 -13.08 -6.86
N GLN A 303 41.46 -13.49 -6.88
CA GLN A 303 41.87 -14.86 -6.49
C GLN A 303 42.28 -14.83 -5.00
N PHE A 304 41.75 -15.74 -4.20
CA PHE A 304 42.05 -15.77 -2.75
C PHE A 304 42.41 -17.19 -2.30
N ARG A 305 43.40 -17.32 -1.40
CA ARG A 305 43.78 -18.61 -0.82
C ARG A 305 43.61 -18.39 0.70
N LYS A 306 42.72 -19.14 1.35
CA LYS A 306 42.51 -18.93 2.81
C LYS A 306 43.46 -19.81 3.62
N ASP A 307 43.92 -19.26 4.76
CA ASP A 307 44.85 -20.01 5.61
C ASP A 307 44.36 -21.42 5.94
N PHE A 308 45.26 -22.38 5.87
CA PHE A 308 44.93 -23.76 6.19
C PHE A 308 44.04 -24.55 5.24
N SER A 309 43.97 -24.10 3.98
CA SER A 309 43.21 -24.84 2.97
C SER A 309 44.01 -24.70 1.69
N PRO A 310 44.10 -25.77 0.90
CA PRO A 310 44.86 -25.67 -0.33
C PRO A 310 43.99 -25.22 -1.53
N ILE A 311 42.67 -25.18 -1.36
CA ILE A 311 41.76 -24.79 -2.46
C ILE A 311 42.02 -23.36 -2.94
N ILE A 312 41.92 -23.12 -4.25
CA ILE A 312 42.11 -21.76 -4.79
C ILE A 312 40.72 -21.22 -5.20
N TYR A 313 40.34 -20.08 -4.61
CA TYR A 313 39.03 -19.43 -4.86
C TYR A 313 39.10 -18.31 -5.91
N HIS A 314 38.12 -18.22 -6.82
CA HIS A 314 38.16 -17.17 -7.86
C HIS A 314 36.78 -16.45 -7.80
N TYR A 315 36.76 -15.18 -7.37
CA TYR A 315 35.50 -14.41 -7.27
C TYR A 315 35.35 -13.44 -8.46
N TYR A 316 34.16 -13.43 -9.10
CA TYR A 316 33.88 -12.56 -10.26
C TYR A 316 32.62 -11.71 -10.03
N ARG A 317 32.63 -10.46 -10.52
CA ARG A 317 31.45 -9.58 -10.45
C ARG A 317 31.57 -8.49 -11.56
N ALA A 318 30.55 -7.62 -11.67
CA ALA A 318 30.57 -6.56 -12.69
C ALA A 318 31.64 -5.52 -12.28
N PRO A 319 32.08 -4.67 -13.24
CA PRO A 319 33.11 -3.66 -12.90
C PRO A 319 32.56 -2.62 -11.92
N PHE A 320 33.47 -1.98 -11.17
CA PHE A 320 33.08 -0.89 -10.22
C PHE A 320 32.97 0.41 -11.07
N VAL A 321 31.88 1.16 -10.93
CA VAL A 321 31.69 2.43 -11.68
C VAL A 321 31.84 3.67 -10.81
N ARG A 322 31.90 3.45 -9.49
CA ARG A 322 32.11 4.55 -8.55
C ARG A 322 32.75 3.95 -7.27
N ASP A 323 33.24 4.76 -6.34
CA ASP A 323 33.83 4.23 -5.10
C ASP A 323 32.84 3.28 -4.40
N ASP A 324 33.36 2.22 -3.77
CA ASP A 324 32.53 1.19 -3.09
C ASP A 324 33.23 0.85 -1.77
N LEU A 325 32.66 1.31 -0.67
CA LEU A 325 33.30 1.09 0.64
C LEU A 325 32.66 -0.05 1.44
N TRP A 326 31.85 -0.89 0.77
CA TRP A 326 31.05 -1.94 1.45
C TRP A 326 31.12 -3.33 0.78
N ALA A 327 32.19 -3.62 0.05
CA ALA A 327 32.25 -4.92 -0.67
C ALA A 327 32.50 -6.09 0.28
N ARG A 328 31.81 -7.22 0.06
CA ARG A 328 32.00 -8.38 0.94
C ARG A 328 32.26 -9.70 0.14
N PHE A 329 33.27 -10.45 0.59
CA PHE A 329 33.65 -11.73 -0.03
C PHE A 329 33.43 -12.82 1.05
N LEU A 330 32.36 -13.60 0.90
CA LEU A 330 31.99 -14.64 1.90
C LEU A 330 32.88 -15.87 1.79
N VAL A 331 33.23 -16.42 2.97
CA VAL A 331 34.12 -17.61 3.13
C VAL A 331 33.42 -18.65 4.08
N SER A 332 33.51 -19.94 3.78
CA SER A 332 32.89 -20.99 4.58
C SER A 332 33.78 -21.38 5.77
N LYS A 333 33.27 -21.32 6.99
CA LYS A 333 34.06 -21.70 8.20
C LYS A 333 33.19 -22.42 9.26
N PRO A 334 33.82 -23.17 10.20
CA PRO A 334 33.05 -23.85 11.26
C PRO A 334 32.45 -22.67 12.06
N PRO A 335 31.37 -22.89 12.81
CA PRO A 335 30.65 -24.16 12.97
C PRO A 335 29.65 -24.41 11.84
N LEU A 336 29.56 -23.48 10.90
CA LEU A 336 28.62 -23.62 9.78
C LEU A 336 29.40 -23.64 8.47
N ASP A 337 30.10 -24.76 8.28
CA ASP A 337 30.92 -24.99 7.11
C ASP A 337 30.06 -25.60 5.96
N VAL A 338 29.24 -24.76 5.34
CA VAL A 338 28.38 -25.17 4.25
C VAL A 338 29.10 -25.74 3.05
N GLU A 339 30.33 -25.32 2.81
CA GLU A 339 31.09 -25.79 1.67
C GLU A 339 31.46 -27.30 1.76
N LEU A 340 31.57 -27.86 2.97
CA LEU A 340 31.93 -29.28 3.02
C LEU A 340 30.82 -30.20 2.52
N LEU A 341 29.62 -29.64 2.32
CA LEU A 341 28.51 -30.45 1.79
C LEU A 341 28.88 -30.96 0.40
N ILE A 342 29.82 -30.28 -0.25
CA ILE A 342 30.28 -30.62 -1.60
C ILE A 342 31.58 -31.46 -1.65
N LEU A 343 32.16 -31.77 -0.49
CA LEU A 343 33.43 -32.51 -0.44
C LEU A 343 33.46 -33.91 -1.09
N PRO A 344 32.38 -34.71 -0.97
CA PRO A 344 32.47 -36.03 -1.60
C PRO A 344 32.79 -35.92 -3.10
N GLU A 345 32.12 -34.99 -3.76
CA GLU A 345 32.34 -34.83 -5.21
C GLU A 345 33.73 -34.23 -5.52
N ARG A 346 34.19 -33.28 -4.70
CA ARG A 346 35.51 -32.65 -4.86
C ARG A 346 36.62 -33.70 -4.74
N LEU A 347 36.39 -34.75 -3.95
CA LEU A 347 37.38 -35.82 -3.76
C LEU A 347 37.33 -36.94 -4.81
N SER A 348 36.39 -36.90 -5.75
CA SER A 348 36.32 -37.96 -6.75
C SER A 348 37.25 -37.74 -7.97
N PRO A 349 37.70 -38.84 -8.60
CA PRO A 349 38.57 -38.69 -9.77
C PRO A 349 37.89 -37.86 -10.87
N ALA A 350 36.55 -37.89 -10.89
CA ALA A 350 35.82 -37.10 -11.88
C ALA A 350 36.01 -35.59 -11.67
N ALA A 351 36.35 -35.18 -10.45
CA ALA A 351 36.52 -33.74 -10.18
C ALA A 351 37.58 -33.06 -11.02
N LYS A 352 38.56 -33.82 -11.56
CA LYS A 352 39.55 -33.17 -12.41
C LYS A 352 38.90 -32.81 -13.76
N GLU A 353 37.72 -33.37 -14.03
CA GLU A 353 37.04 -33.16 -15.31
C GLU A 353 35.87 -32.17 -15.39
N THR A 354 35.37 -31.69 -14.24
CA THR A 354 34.24 -30.77 -14.21
C THR A 354 34.50 -29.58 -13.28
N SER A 355 33.66 -28.55 -13.39
CA SER A 355 33.72 -27.34 -12.55
C SER A 355 32.60 -27.30 -11.50
N GLY A 356 32.81 -26.47 -10.47
CA GLY A 356 31.81 -26.33 -9.42
C GLY A 356 31.64 -24.83 -9.17
N LEU A 357 30.41 -24.33 -9.24
CA LEU A 357 30.22 -22.90 -8.97
C LEU A 357 29.07 -22.51 -8.04
N LEU A 358 29.17 -21.30 -7.48
CA LEU A 358 28.13 -20.74 -6.61
C LEU A 358 27.75 -19.41 -7.23
N LEU A 359 26.45 -19.23 -7.50
CA LEU A 359 25.91 -17.98 -8.10
C LEU A 359 25.14 -17.22 -6.99
N ILE A 360 25.48 -15.93 -6.79
CA ILE A 360 24.85 -15.12 -5.72
C ILE A 360 24.13 -13.85 -6.23
N ARG A 361 22.94 -13.57 -5.71
CA ARG A 361 22.22 -12.32 -6.04
C ARG A 361 21.38 -11.90 -4.82
N TYR A 362 21.60 -10.67 -4.32
CA TYR A 362 20.83 -10.17 -3.18
C TYR A 362 19.45 -9.63 -3.66
N LYS A 363 18.70 -10.52 -4.30
CA LYS A 363 17.36 -10.22 -4.87
C LYS A 363 16.98 -11.62 -5.30
N GLU A 364 15.99 -12.21 -4.62
CA GLU A 364 15.55 -13.60 -4.86
C GLU A 364 15.40 -14.05 -6.33
N MET A 365 16.00 -15.19 -6.66
CA MET A 365 15.94 -15.77 -8.01
C MET A 365 14.71 -16.70 -7.96
N ILE A 366 13.72 -16.41 -8.80
CA ILE A 366 12.43 -17.13 -8.78
C ILE A 366 12.09 -17.82 -10.09
N GLY A 367 11.85 -19.13 -10.02
CA GLY A 367 11.53 -19.87 -11.22
C GLY A 367 10.06 -20.30 -11.28
N GLU A 368 9.29 -19.95 -10.27
CA GLU A 368 7.87 -20.31 -10.18
C GLU A 368 7.05 -19.05 -10.42
N TYR A 369 6.16 -19.08 -11.41
CA TYR A 369 5.37 -17.89 -11.75
C TYR A 369 4.34 -17.46 -10.73
N ASP A 370 4.23 -16.15 -10.49
CA ASP A 370 3.24 -15.59 -9.57
C ASP A 370 2.83 -14.18 -9.96
N GLU A 371 1.53 -13.92 -9.97
CA GLU A 371 1.00 -12.61 -10.35
C GLU A 371 1.52 -11.42 -9.51
N GLU A 372 1.22 -11.41 -8.21
CA GLU A 372 1.68 -10.33 -7.33
C GLU A 372 3.14 -9.95 -7.65
N ILE A 373 4.00 -10.96 -7.68
CA ILE A 373 5.42 -10.74 -7.98
C ILE A 373 5.54 -10.35 -9.45
N GLY A 374 4.64 -10.91 -10.25
CA GLY A 374 4.55 -10.61 -11.67
C GLY A 374 5.63 -11.03 -12.65
N GLY A 375 6.56 -11.92 -12.29
CA GLY A 375 7.58 -12.31 -13.24
C GLY A 375 8.51 -13.43 -12.77
N VAL A 376 9.19 -14.10 -13.70
CA VAL A 376 10.12 -15.18 -13.38
C VAL A 376 11.52 -14.79 -13.87
N ASP A 377 12.58 -15.23 -13.19
CA ASP A 377 13.96 -14.96 -13.65
C ASP A 377 14.41 -16.19 -14.50
N GLU A 378 15.38 -16.02 -15.40
CA GLU A 378 15.97 -17.15 -16.16
C GLU A 378 17.49 -17.02 -15.88
N VAL A 379 18.15 -18.13 -15.57
CA VAL A 379 19.61 -18.15 -15.29
C VAL A 379 20.23 -19.29 -16.14
N TYR A 380 20.99 -18.96 -17.18
CA TYR A 380 21.57 -19.98 -18.07
C TYR A 380 23.08 -20.26 -17.82
N VAL A 381 23.45 -21.54 -17.70
CA VAL A 381 24.86 -21.94 -17.54
C VAL A 381 25.16 -22.85 -18.76
N ASN A 382 26.05 -22.40 -19.65
CA ASN A 382 26.37 -23.13 -20.90
C ASN A 382 25.03 -23.45 -21.63
N GLY A 383 24.10 -22.49 -21.58
CA GLY A 383 22.81 -22.63 -22.27
C GLY A 383 21.65 -23.35 -21.58
N VAL A 384 21.90 -23.93 -20.42
CA VAL A 384 20.85 -24.66 -19.67
C VAL A 384 20.28 -23.78 -18.54
N ASN A 385 18.96 -23.58 -18.53
CA ASN A 385 18.31 -22.75 -17.49
C ASN A 385 18.25 -23.54 -16.17
N VAL A 386 18.96 -23.06 -15.14
CA VAL A 386 18.96 -23.71 -13.82
C VAL A 386 18.00 -23.08 -12.79
N CYS A 387 17.26 -22.03 -13.18
CA CYS A 387 16.28 -21.38 -12.31
C CYS A 387 14.90 -21.95 -12.73
N THR A 388 14.64 -23.20 -12.37
CA THR A 388 13.37 -23.87 -12.70
C THR A 388 12.34 -23.76 -11.54
N GLU A 389 11.09 -24.13 -11.82
CA GLU A 389 10.05 -24.08 -10.78
C GLU A 389 10.40 -25.01 -9.61
N ARG A 390 11.13 -26.07 -9.92
CA ARG A 390 11.52 -27.06 -8.93
C ARG A 390 12.76 -26.71 -8.10
N ILE A 391 13.72 -26.04 -8.73
CA ILE A 391 14.98 -25.70 -8.08
C ILE A 391 14.91 -24.35 -7.36
N CYS A 392 14.13 -23.41 -7.90
CA CYS A 392 13.99 -22.10 -7.28
C CYS A 392 12.52 -21.69 -7.02
N PRO A 393 11.77 -22.46 -6.21
CA PRO A 393 10.38 -22.06 -5.93
C PRO A 393 10.35 -20.80 -5.03
N ILE A 394 9.26 -20.05 -5.07
CA ILE A 394 9.11 -18.85 -4.25
C ILE A 394 9.45 -19.03 -2.75
N GLU A 395 8.97 -20.13 -2.15
CA GLU A 395 9.20 -20.36 -0.72
C GLU A 395 10.66 -20.53 -0.32
N ARG A 396 11.54 -20.96 -1.22
CA ARG A 396 12.96 -21.12 -0.88
C ARG A 396 13.77 -19.81 -0.90
N ALA A 397 13.18 -18.74 -1.44
CA ALA A 397 13.85 -17.39 -1.44
C ALA A 397 15.35 -17.47 -1.75
N VAL A 398 15.66 -18.08 -2.89
CA VAL A 398 17.06 -18.32 -3.27
C VAL A 398 17.95 -17.09 -3.59
N ASN A 399 18.98 -16.88 -2.76
CA ASN A 399 19.97 -15.81 -2.96
C ASN A 399 21.32 -16.46 -3.33
N GLY A 400 21.49 -17.76 -3.00
CA GLY A 400 22.72 -18.45 -3.36
C GLY A 400 22.39 -19.81 -4.01
N LEU A 401 22.85 -20.01 -5.25
CA LEU A 401 22.56 -21.25 -6.02
C LEU A 401 23.83 -22.06 -6.37
N TRP A 402 23.93 -23.28 -5.85
CA TRP A 402 25.12 -24.13 -6.08
C TRP A 402 24.91 -24.95 -7.36
N VAL A 403 25.90 -24.93 -8.27
CA VAL A 403 25.80 -25.68 -9.57
C VAL A 403 27.02 -26.61 -9.70
N PHE A 404 26.80 -27.95 -9.65
CA PHE A 404 27.90 -28.91 -9.74
C PHE A 404 27.35 -30.31 -10.11
N ASP A 405 28.23 -31.28 -10.43
CA ASP A 405 27.74 -32.63 -10.78
C ASP A 405 27.47 -33.51 -9.52
N ARG A 406 26.24 -33.43 -9.01
CA ARG A 406 25.83 -34.23 -7.85
C ARG A 406 26.06 -35.71 -8.17
N GLY A 407 26.75 -36.39 -7.26
CA GLY A 407 27.04 -37.81 -7.43
C GLY A 407 28.29 -38.12 -8.23
N ALA A 408 28.89 -37.10 -8.86
CA ALA A 408 30.08 -37.23 -9.69
C ALA A 408 29.94 -38.39 -10.68
N ASP A 409 28.74 -38.52 -11.27
CA ASP A 409 28.43 -39.59 -12.23
C ASP A 409 28.39 -39.22 -13.73
N GLY A 410 28.74 -37.97 -14.05
CA GLY A 410 28.73 -37.56 -15.46
C GLY A 410 27.34 -37.36 -16.05
N LYS A 411 26.33 -37.30 -15.20
CA LYS A 411 24.97 -37.11 -15.68
C LYS A 411 24.29 -35.87 -15.10
N SER A 412 23.70 -35.06 -15.98
CA SER A 412 22.98 -33.85 -15.54
C SER A 412 21.49 -34.15 -15.25
N ASP A 413 21.17 -34.64 -14.06
CA ASP A 413 19.77 -34.94 -13.69
C ASP A 413 19.10 -33.71 -13.01
N LEU A 414 18.70 -32.71 -13.81
CA LEU A 414 18.11 -31.51 -13.25
C LEU A 414 16.82 -31.72 -12.51
N ASP A 415 16.04 -32.74 -12.88
CA ASP A 415 14.78 -32.96 -12.18
C ASP A 415 14.81 -33.70 -10.83
N ARG A 416 15.97 -34.19 -10.43
CA ARG A 416 16.11 -34.87 -9.14
C ARG A 416 16.74 -33.84 -8.20
N GLU A 417 15.97 -33.36 -7.21
CA GLU A 417 16.49 -32.34 -6.28
C GLU A 417 17.71 -32.83 -5.49
N VAL A 418 18.63 -31.90 -5.20
CA VAL A 418 19.84 -32.17 -4.42
C VAL A 418 19.44 -31.97 -2.94
N VAL A 419 18.97 -33.05 -2.33
CA VAL A 419 18.47 -33.08 -0.95
C VAL A 419 19.30 -32.44 0.19
N ARG A 420 20.62 -32.52 0.11
CA ARG A 420 21.47 -31.97 1.18
C ARG A 420 21.30 -30.46 1.41
N TYR A 421 20.88 -29.71 0.38
CA TYR A 421 20.70 -28.25 0.53
C TYR A 421 19.28 -27.83 0.94
N SER A 422 18.39 -28.79 1.09
CA SER A 422 17.02 -28.47 1.47
C SER A 422 16.95 -27.90 2.88
N ILE A 423 18.01 -28.12 3.65
CA ILE A 423 18.10 -27.66 5.03
C ILE A 423 18.86 -26.31 5.23
N MET A 424 19.39 -25.74 4.14
CA MET A 424 20.13 -24.46 4.24
C MET A 424 19.25 -23.24 3.93
N PRO A 425 19.30 -22.19 4.78
CA PRO A 425 18.46 -21.00 4.52
C PRO A 425 18.91 -20.19 3.30
N PHE A 426 17.94 -19.70 2.50
CA PHE A 426 18.23 -18.88 1.30
C PHE A 426 19.07 -19.53 0.19
N MET A 427 19.20 -20.86 0.21
CA MET A 427 20.04 -21.55 -0.79
C MET A 427 19.33 -22.71 -1.51
N SER A 428 19.84 -23.08 -2.69
CA SER A 428 19.31 -24.25 -3.41
C SER A 428 20.47 -24.80 -4.24
N ALA A 429 20.23 -25.86 -5.03
CA ALA A 429 21.32 -26.40 -5.85
C ALA A 429 20.79 -27.11 -7.12
N ALA A 430 21.62 -27.14 -8.16
CA ALA A 430 21.26 -27.77 -9.46
C ALA A 430 22.33 -28.80 -9.92
N ASP A 431 21.88 -30.00 -10.30
CA ASP A 431 22.80 -31.07 -10.76
C ASP A 431 23.08 -30.87 -12.26
N LEU A 432 24.16 -30.16 -12.58
CA LEU A 432 24.56 -29.86 -13.98
C LEU A 432 26.06 -30.15 -14.23
N VAL A 433 26.36 -30.98 -15.25
CA VAL A 433 27.74 -31.26 -15.61
C VAL A 433 28.28 -30.07 -16.42
N VAL A 434 29.35 -29.45 -15.92
CA VAL A 434 30.00 -28.29 -16.55
C VAL A 434 31.44 -28.75 -16.86
N PRO A 435 31.75 -29.13 -18.12
CA PRO A 435 33.10 -29.59 -18.47
C PRO A 435 34.25 -28.62 -18.15
N ALA A 436 35.32 -29.14 -17.53
CA ALA A 436 36.43 -28.26 -17.19
C ALA A 436 37.42 -28.06 -18.33
N GLU A 437 36.93 -27.51 -19.45
CA GLU A 437 37.75 -27.23 -20.63
C GLU A 437 37.22 -25.95 -21.23
N GLY A 438 38.12 -25.07 -21.66
CA GLY A 438 37.72 -23.83 -22.26
C GLY A 438 37.10 -22.82 -21.27
N THR A 439 35.91 -22.33 -21.60
CA THR A 439 35.22 -21.34 -20.77
C THR A 439 33.82 -21.78 -20.35
N ILE A 440 33.23 -21.03 -19.42
CA ILE A 440 31.86 -21.26 -18.96
C ILE A 440 31.11 -19.98 -19.33
N SER A 441 29.92 -20.12 -19.91
CA SER A 441 29.04 -18.98 -20.26
C SER A 441 27.94 -18.86 -19.19
N ILE A 442 27.70 -17.66 -18.62
CA ILE A 442 26.64 -17.48 -17.62
C ILE A 442 25.79 -16.25 -17.98
N ALA A 443 24.46 -16.40 -18.01
CA ALA A 443 23.59 -15.27 -18.37
C ALA A 443 22.32 -15.21 -17.55
N VAL A 444 21.93 -14.00 -17.14
CA VAL A 444 20.72 -13.85 -16.38
C VAL A 444 19.77 -12.87 -17.10
N LYS A 445 18.48 -13.23 -17.11
CA LYS A 445 17.41 -12.37 -17.64
C LYS A 445 16.51 -12.09 -16.40
N SER A 446 16.52 -10.86 -15.91
CA SER A 446 15.79 -10.51 -14.67
C SER A 446 14.28 -10.40 -14.78
N ARG A 447 13.59 -10.82 -13.72
CA ARG A 447 12.11 -10.73 -13.68
C ARG A 447 11.68 -9.28 -13.71
N THR A 448 12.55 -8.36 -13.34
CA THR A 448 12.14 -6.96 -13.40
C THR A 448 12.63 -6.29 -14.68
N GLY A 449 13.23 -7.08 -15.59
CA GLY A 449 13.70 -6.54 -16.87
C GLY A 449 15.20 -6.33 -17.07
N GLY A 450 15.70 -6.55 -18.27
CA GLY A 450 17.15 -6.34 -18.47
C GLY A 450 17.94 -7.63 -18.29
N GLU A 451 19.21 -7.61 -18.72
CA GLU A 451 20.07 -8.80 -18.64
C GLU A 451 21.57 -8.55 -18.35
N GLU A 452 22.25 -9.57 -17.85
CA GLU A 452 23.68 -9.47 -17.49
C GLU A 452 24.36 -10.81 -17.85
N SER A 453 25.56 -10.76 -18.44
CA SER A 453 26.26 -12.00 -18.80
C SER A 453 27.76 -11.97 -18.48
N PHE A 454 28.31 -13.17 -18.26
CA PHE A 454 29.71 -13.40 -17.93
C PHE A 454 30.31 -14.58 -18.75
N THR A 455 31.60 -14.52 -19.06
CA THR A 455 32.34 -15.61 -19.67
C THR A 455 33.63 -15.72 -18.82
N ILE A 456 33.88 -16.89 -18.21
CA ILE A 456 35.07 -17.07 -17.35
C ILE A 456 35.79 -18.42 -17.62
N PRO A 457 37.04 -18.61 -17.12
CA PRO A 457 37.69 -19.92 -17.39
C PRO A 457 36.98 -21.06 -16.63
N ALA A 458 36.96 -22.26 -17.25
CA ALA A 458 36.32 -23.43 -16.62
C ALA A 458 37.28 -24.17 -15.66
N TRP A 459 37.62 -23.54 -14.53
CA TRP A 459 38.56 -24.09 -13.53
C TRP A 459 38.08 -25.48 -13.02
N SER A 460 38.99 -26.44 -12.83
CA SER A 460 38.56 -27.76 -12.36
C SER A 460 38.27 -27.83 -10.85
N ALA A 461 37.22 -28.58 -10.48
CA ALA A 461 36.79 -28.67 -9.07
C ALA A 461 37.69 -29.38 -8.09
N ASP A 462 38.64 -30.18 -8.56
CA ASP A 462 39.52 -30.88 -7.60
C ASP A 462 40.43 -29.85 -6.85
N ARG A 463 40.78 -28.75 -7.50
CA ARG A 463 41.65 -27.76 -6.86
C ARG A 463 41.13 -26.31 -6.81
N HIS A 464 40.01 -26.05 -7.49
CA HIS A 464 39.46 -24.67 -7.60
C HIS A 464 37.96 -24.55 -7.25
N SER A 465 37.56 -23.37 -6.73
CA SER A 465 36.15 -23.04 -6.42
C SER A 465 35.85 -21.71 -7.12
N ILE A 466 34.64 -21.59 -7.69
CA ILE A 466 34.24 -20.41 -8.48
C ILE A 466 33.01 -19.72 -7.87
N ILE A 467 33.09 -18.40 -7.65
CA ILE A 467 31.94 -17.64 -7.10
C ILE A 467 31.62 -16.48 -8.07
N VAL A 468 30.38 -16.38 -8.55
CA VAL A 468 30.00 -15.26 -9.47
C VAL A 468 28.84 -14.48 -8.83
N GLN A 469 29.04 -13.16 -8.60
CA GLN A 469 27.98 -12.35 -8.00
C GLN A 469 27.26 -11.47 -9.04
N PHE A 470 25.96 -11.71 -9.23
CA PHE A 470 25.16 -10.90 -10.18
C PHE A 470 24.77 -9.57 -9.52
N SER A 471 24.66 -8.51 -10.33
CA SER A 471 24.27 -7.21 -9.77
C SER A 471 22.82 -7.29 -9.28
N ASP A 472 22.51 -6.64 -8.15
CA ASP A 472 21.16 -6.72 -7.66
C ASP A 472 20.12 -5.71 -8.23
N TYR A 473 20.51 -4.94 -9.22
CA TYR A 473 19.55 -4.12 -9.95
C TYR A 473 20.12 -3.74 -11.30
N ILE A 474 19.41 -4.06 -12.38
CA ILE A 474 19.84 -3.69 -13.74
C ILE A 474 18.82 -2.64 -14.29
N VAL A 475 19.31 -1.50 -14.73
CA VAL A 475 18.42 -0.47 -15.29
C VAL A 475 18.20 -0.70 -16.80
N GLU B 20 -19.93 -9.29 22.59
CA GLU B 20 -18.87 -8.28 22.85
C GLU B 20 -17.74 -8.41 21.81
N ASP B 21 -18.03 -9.06 20.67
CA ASP B 21 -17.04 -9.24 19.61
C ASP B 21 -16.66 -7.91 18.92
N PHE B 22 -17.66 -7.04 18.73
CA PHE B 22 -17.43 -5.78 18.02
C PHE B 22 -17.75 -4.52 18.86
N ARG B 23 -17.22 -3.37 18.45
CA ARG B 23 -17.50 -2.09 19.12
C ARG B 23 -18.17 -1.18 18.04
N PRO B 24 -18.86 -0.11 18.46
CA PRO B 24 -19.54 0.79 17.49
C PRO B 24 -18.60 1.55 16.54
N VAL B 25 -19.15 1.94 15.38
CA VAL B 25 -18.41 2.73 14.36
C VAL B 25 -19.26 3.99 14.02
N VAL B 26 -18.66 5.21 14.00
CA VAL B 26 -19.42 6.44 13.66
C VAL B 26 -18.74 7.11 12.43
N PHE B 27 -19.53 7.39 11.38
CA PHE B 27 -19.01 7.98 10.13
C PHE B 27 -19.40 9.46 10.02
N VAL B 28 -18.44 10.30 9.62
CA VAL B 28 -18.67 11.75 9.39
C VAL B 28 -18.33 12.07 7.89
N HIS B 29 -19.35 12.54 7.16
CA HIS B 29 -19.27 12.88 5.72
C HIS B 29 -18.56 14.16 5.40
N GLY B 30 -18.36 14.40 4.09
CA GLY B 30 -17.70 15.64 3.66
C GLY B 30 -18.64 16.71 3.07
N LEU B 31 -18.10 17.72 2.36
CA LEU B 31 -18.93 18.83 1.81
C LEU B 31 -19.96 18.29 0.81
N ALA B 32 -21.23 18.73 0.93
CA ALA B 32 -22.32 18.26 0.04
C ALA B 32 -22.68 16.78 0.21
N GLY B 33 -22.20 16.13 1.28
CA GLY B 33 -22.49 14.72 1.47
C GLY B 33 -23.54 14.44 2.56
N SER B 34 -23.71 13.17 2.91
CA SER B 34 -24.68 12.74 3.96
C SER B 34 -24.35 11.27 4.34
N ALA B 35 -25.26 10.68 5.12
CA ALA B 35 -25.14 9.27 5.54
C ALA B 35 -25.15 8.34 4.32
N GLY B 36 -25.69 8.81 3.20
CA GLY B 36 -25.72 7.92 2.05
C GLY B 36 -24.36 7.36 1.60
N GLN B 37 -23.25 8.08 1.88
CA GLN B 37 -21.94 7.56 1.47
C GLN B 37 -21.44 6.39 2.34
N PHE B 38 -22.18 6.05 3.42
CA PHE B 38 -21.77 4.89 4.25
C PHE B 38 -22.88 3.83 4.29
N GLU B 39 -23.89 3.96 3.43
CA GLU B 39 -25.03 3.02 3.44
C GLU B 39 -24.59 1.62 3.01
N SER B 40 -23.82 1.51 1.93
CA SER B 40 -23.34 0.18 1.52
C SER B 40 -22.34 -0.39 2.55
N GLN B 41 -21.44 0.44 3.08
CA GLN B 41 -20.48 -0.11 4.08
C GLN B 41 -21.23 -0.63 5.33
N GLY B 42 -22.25 0.10 5.80
CA GLY B 42 -23.01 -0.37 6.96
C GLY B 42 -23.61 -1.77 6.72
N MET B 43 -24.16 -1.98 5.52
CA MET B 43 -24.69 -3.32 5.19
C MET B 43 -23.59 -4.40 5.13
N ARG B 44 -22.39 -4.02 4.67
CA ARG B 44 -21.25 -4.97 4.65
C ARG B 44 -20.81 -5.33 6.10
N PHE B 45 -20.73 -4.34 6.99
CA PHE B 45 -20.39 -4.66 8.40
C PHE B 45 -21.44 -5.65 8.98
N ALA B 46 -22.72 -5.39 8.71
CA ALA B 46 -23.80 -6.27 9.23
C ALA B 46 -23.70 -7.70 8.65
N ALA B 47 -23.36 -7.81 7.36
CA ALA B 47 -23.20 -9.12 6.75
C ALA B 47 -22.08 -9.94 7.42
N ASN B 48 -21.13 -9.24 8.03
CA ASN B 48 -20.00 -9.91 8.72
C ASN B 48 -20.15 -10.02 10.23
N GLY B 49 -21.37 -9.88 10.74
CA GLY B 49 -21.61 -10.10 12.17
C GLY B 49 -21.94 -8.92 13.08
N TYR B 50 -21.74 -7.70 12.62
CA TYR B 50 -22.07 -6.54 13.44
C TYR B 50 -23.58 -6.38 13.57
N PRO B 51 -24.08 -6.00 14.76
CA PRO B 51 -25.52 -5.77 14.91
C PRO B 51 -25.69 -4.45 14.08
N ALA B 52 -26.65 -4.39 13.15
CA ALA B 52 -26.75 -3.17 12.32
C ALA B 52 -26.81 -1.85 13.11
N GLU B 53 -27.40 -1.85 14.31
CA GLU B 53 -27.46 -0.63 15.08
C GLU B 53 -26.09 -0.13 15.67
N TYR B 54 -25.01 -0.89 15.56
CA TYR B 54 -23.71 -0.42 16.04
C TYR B 54 -23.04 0.56 15.02
N VAL B 55 -23.59 0.63 13.81
CA VAL B 55 -23.06 1.53 12.76
C VAL B 55 -23.89 2.84 12.76
N LYS B 56 -23.29 3.93 13.23
CA LYS B 56 -23.96 5.25 13.35
C LYS B 56 -23.40 6.31 12.39
N THR B 57 -24.19 7.34 12.07
CA THR B 57 -23.67 8.40 11.19
C THR B 57 -23.93 9.76 11.90
N PHE B 58 -23.11 10.77 11.67
CA PHE B 58 -23.26 12.10 12.28
C PHE B 58 -23.40 13.06 11.08
N GLU B 59 -24.52 13.74 10.96
CA GLU B 59 -24.73 14.69 9.84
C GLU B 59 -24.71 16.17 10.30
N TYR B 60 -24.25 17.08 9.42
CA TYR B 60 -24.13 18.50 9.78
C TYR B 60 -24.24 19.41 8.55
N ASP B 61 -24.46 20.72 8.78
CA ASP B 61 -24.57 21.73 7.69
C ASP B 61 -23.15 22.04 7.17
N THR B 62 -22.82 21.52 5.98
CA THR B 62 -21.50 21.67 5.38
C THR B 62 -21.19 23.04 4.78
N ILE B 63 -22.21 23.83 4.44
CA ILE B 63 -21.98 25.16 3.88
C ILE B 63 -21.44 26.05 5.04
N SER B 64 -22.14 26.07 6.17
CA SER B 64 -21.63 26.89 7.29
C SER B 64 -20.32 26.34 7.82
N TRP B 65 -20.15 25.01 7.88
CA TRP B 65 -18.89 24.49 8.43
C TRP B 65 -17.68 24.92 7.56
N ALA B 66 -17.82 24.83 6.24
CA ALA B 66 -16.74 25.21 5.33
C ALA B 66 -16.36 26.70 5.39
N LEU B 67 -17.37 27.58 5.37
CA LEU B 67 -17.15 29.03 5.34
C LEU B 67 -16.76 29.68 6.66
N VAL B 68 -17.18 29.07 7.79
CA VAL B 68 -16.94 29.63 9.13
C VAL B 68 -15.76 28.96 9.88
N VAL B 69 -15.59 27.64 9.70
CA VAL B 69 -14.56 26.91 10.38
C VAL B 69 -13.37 26.50 9.52
N GLU B 70 -13.61 25.89 8.36
CA GLU B 70 -12.48 25.40 7.56
C GLU B 70 -11.94 26.32 6.43
N THR B 71 -11.85 27.63 6.69
CA THR B 71 -11.30 28.54 5.68
C THR B 71 -9.82 28.23 5.23
N ASP B 72 -8.95 27.79 6.15
CA ASP B 72 -7.53 27.47 5.76
C ASP B 72 -7.54 26.41 4.64
N MET B 73 -8.32 25.36 4.86
CA MET B 73 -8.41 24.28 3.87
C MET B 73 -9.07 24.76 2.58
N LEU B 74 -10.17 25.48 2.70
CA LEU B 74 -10.88 25.89 1.51
C LEU B 74 -10.05 26.82 0.61
N PHE B 75 -9.44 27.84 1.21
CA PHE B 75 -8.72 28.81 0.38
C PHE B 75 -7.25 28.55 0.08
N SER B 76 -6.76 27.37 0.43
CA SER B 76 -5.40 27.02 0.09
C SER B 76 -5.49 25.89 -0.96
N GLY B 77 -6.73 25.59 -1.35
CA GLY B 77 -6.97 24.58 -2.37
C GLY B 77 -6.70 23.14 -1.92
N LEU B 78 -6.96 22.84 -0.64
CA LEU B 78 -6.74 21.49 -0.13
C LEU B 78 -8.02 20.67 -0.04
N GLY B 79 -9.12 21.19 -0.60
CA GLY B 79 -10.39 20.47 -0.58
C GLY B 79 -11.08 20.54 -1.91
N SER B 80 -12.40 20.69 -1.90
CA SER B 80 -13.19 20.83 -3.12
C SER B 80 -13.01 22.27 -3.64
N GLU B 81 -13.50 22.55 -4.85
CA GLU B 81 -13.39 23.90 -5.43
C GLU B 81 -14.61 24.77 -5.10
N PHE B 82 -15.31 24.47 -4.01
CA PHE B 82 -16.51 25.22 -3.63
C PHE B 82 -16.19 26.70 -3.44
N GLY B 83 -14.97 26.97 -2.99
CA GLY B 83 -14.58 28.34 -2.74
C GLY B 83 -14.54 29.19 -3.98
N LEU B 84 -14.35 28.57 -5.14
CA LEU B 84 -14.25 29.34 -6.39
C LEU B 84 -15.58 29.94 -6.86
N ASN B 85 -16.69 29.36 -6.40
CA ASN B 85 -18.01 29.82 -6.86
C ASN B 85 -18.96 30.35 -5.79
N ILE B 86 -18.45 30.63 -4.59
CA ILE B 86 -19.27 31.12 -3.47
C ILE B 86 -20.26 32.24 -3.83
N SER B 87 -19.78 33.31 -4.45
CA SER B 87 -20.67 34.42 -4.76
C SER B 87 -21.79 34.18 -5.79
N GLN B 88 -21.63 33.20 -6.67
CA GLN B 88 -22.65 32.88 -7.67
C GLN B 88 -23.66 31.84 -7.15
N ILE B 89 -23.30 31.12 -6.09
CA ILE B 89 -24.15 30.05 -5.50
C ILE B 89 -25.01 30.49 -4.30
N ILE B 90 -24.54 31.47 -3.55
CA ILE B 90 -25.21 31.99 -2.35
C ILE B 90 -25.57 33.48 -2.53
N ASP B 91 -26.82 33.86 -2.26
CA ASP B 91 -27.23 35.27 -2.43
C ASP B 91 -26.52 36.14 -1.40
N PRO B 92 -26.27 37.41 -1.75
CA PRO B 92 -25.58 38.34 -0.86
C PRO B 92 -26.00 38.49 0.59
N GLU B 93 -27.27 38.78 0.87
CA GLU B 93 -27.69 38.93 2.25
C GLU B 93 -27.57 37.60 3.03
N THR B 94 -27.79 36.47 2.36
CA THR B 94 -27.64 35.18 3.03
C THR B 94 -26.17 34.89 3.42
N LEU B 95 -25.25 35.24 2.52
CA LEU B 95 -23.83 34.99 2.79
C LEU B 95 -23.39 35.85 3.99
N ASP B 96 -23.83 37.11 4.05
CA ASP B 96 -23.46 37.98 5.18
C ASP B 96 -23.93 37.35 6.49
N LYS B 97 -25.17 36.85 6.50
CA LYS B 97 -25.68 36.20 7.70
C LYS B 97 -24.85 34.98 8.16
N ILE B 98 -24.47 34.13 7.22
CA ILE B 98 -23.64 32.95 7.53
C ILE B 98 -22.27 33.41 8.11
N LEU B 99 -21.60 34.32 7.42
CA LEU B 99 -20.29 34.79 7.89
C LEU B 99 -20.32 35.55 9.22
N SER B 100 -21.49 35.97 9.66
CA SER B 100 -21.58 36.70 10.92
C SER B 100 -21.74 35.78 12.14
N LYS B 101 -21.93 34.47 11.90
CA LYS B 101 -22.07 33.51 13.01
C LYS B 101 -20.78 33.44 13.85
N SER B 102 -20.93 33.16 15.14
CA SER B 102 -19.79 33.03 16.04
C SER B 102 -19.04 31.72 15.77
N ARG B 103 -17.78 31.79 15.39
CA ARG B 103 -17.01 30.59 15.10
C ARG B 103 -16.84 29.69 16.34
N GLU B 104 -16.47 30.30 17.46
CA GLU B 104 -16.27 29.56 18.69
C GLU B 104 -17.53 28.81 19.14
N ARG B 105 -18.67 29.47 19.05
CA ARG B 105 -19.96 28.90 19.40
C ARG B 105 -20.34 27.74 18.45
N LEU B 106 -20.13 27.93 17.14
CA LEU B 106 -20.46 26.85 16.17
C LEU B 106 -19.67 25.57 16.45
N ILE B 107 -18.36 25.71 16.68
CA ILE B 107 -17.48 24.58 17.03
C ILE B 107 -17.93 23.91 18.35
N ASP B 108 -18.20 24.74 19.37
CA ASP B 108 -18.61 24.18 20.65
C ASP B 108 -19.92 23.39 20.58
N GLU B 109 -20.97 23.95 20.00
CA GLU B 109 -22.25 23.27 19.90
C GLU B 109 -22.24 22.02 18.99
N THR B 110 -21.49 22.09 17.89
CA THR B 110 -21.44 20.94 16.98
C THR B 110 -20.66 19.78 17.61
N PHE B 111 -19.49 20.06 18.19
CA PHE B 111 -18.74 18.97 18.88
C PHE B 111 -19.52 18.41 20.12
N SER B 112 -20.32 19.24 20.82
CA SER B 112 -21.11 18.69 21.95
C SER B 112 -22.16 17.70 21.44
N ARG B 113 -22.75 17.95 20.27
CA ARG B 113 -23.73 17.02 19.70
C ARG B 113 -23.05 15.66 19.35
N LEU B 114 -21.82 15.69 18.78
CA LEU B 114 -21.12 14.43 18.49
C LEU B 114 -20.81 13.69 19.81
N ASP B 115 -20.48 14.44 20.86
CA ASP B 115 -20.24 13.87 22.21
C ASP B 115 -21.42 13.01 22.63
N ARG B 116 -22.63 13.51 22.36
CA ARG B 116 -23.86 12.77 22.76
C ARG B 116 -24.14 11.55 21.92
N VAL B 117 -23.81 11.62 20.64
CA VAL B 117 -23.98 10.47 19.75
C VAL B 117 -23.03 9.36 20.20
N ILE B 118 -21.81 9.73 20.56
CA ILE B 118 -20.82 8.74 21.01
C ILE B 118 -21.22 8.12 22.37
N ASP B 119 -21.64 8.95 23.32
CA ASP B 119 -22.04 8.41 24.64
C ASP B 119 -23.21 7.43 24.57
N GLU B 120 -24.17 7.72 23.69
CA GLU B 120 -25.33 6.87 23.49
C GLU B 120 -24.90 5.50 22.92
N ALA B 121 -24.00 5.52 21.93
CA ALA B 121 -23.53 4.27 21.35
C ALA B 121 -22.76 3.42 22.39
N LEU B 122 -21.99 4.09 23.24
CA LEU B 122 -21.24 3.36 24.29
C LEU B 122 -22.19 2.72 25.30
N ALA B 123 -23.29 3.41 25.62
CA ALA B 123 -24.26 2.85 26.59
C ALA B 123 -25.09 1.71 25.98
N GLU B 124 -25.42 1.83 24.70
CA GLU B 124 -26.20 0.82 24.02
C GLU B 124 -25.44 -0.50 23.78
N SER B 125 -24.13 -0.40 23.56
CA SER B 125 -23.29 -1.56 23.27
C SER B 125 -22.52 -2.11 24.47
N GLY B 126 -22.35 -1.31 25.51
CA GLY B 126 -21.55 -1.75 26.64
C GLY B 126 -20.05 -1.57 26.43
N ALA B 127 -19.64 -1.06 25.25
CA ALA B 127 -18.21 -0.85 24.94
C ALA B 127 -17.53 0.30 25.66
N ASP B 128 -16.20 0.29 25.72
CA ASP B 128 -15.49 1.37 26.38
C ASP B 128 -15.00 2.46 25.42
N LYS B 129 -14.92 2.12 24.14
CA LYS B 129 -14.45 3.07 23.12
C LYS B 129 -15.19 2.83 21.81
N VAL B 130 -15.08 3.78 20.86
CA VAL B 130 -15.69 3.63 19.51
C VAL B 130 -14.60 3.84 18.43
N ASP B 131 -14.95 3.49 17.19
CA ASP B 131 -14.05 3.69 16.02
C ASP B 131 -14.68 4.86 15.21
N LEU B 132 -13.88 5.84 14.76
CA LEU B 132 -14.41 7.02 13.98
C LEU B 132 -13.83 6.99 12.55
N VAL B 133 -14.68 7.28 11.56
CA VAL B 133 -14.28 7.26 10.12
C VAL B 133 -14.76 8.58 9.47
N GLY B 134 -13.86 9.28 8.75
CA GLY B 134 -14.25 10.53 8.09
C GLY B 134 -13.89 10.48 6.61
N HIS B 135 -14.62 11.23 5.76
CA HIS B 135 -14.36 11.28 4.30
C HIS B 135 -14.25 12.74 3.91
N ALA B 136 -13.18 13.07 3.19
CA ALA B 136 -12.96 14.40 2.66
C ALA B 136 -13.00 15.51 3.73
N MET B 137 -13.91 16.50 3.68
CA MET B 137 -13.87 17.53 4.73
C MET B 137 -14.10 16.93 6.13
N GLY B 138 -14.80 15.80 6.17
CA GLY B 138 -15.05 15.06 7.42
C GLY B 138 -13.74 14.65 8.09
N THR B 139 -12.65 14.47 7.33
CA THR B 139 -11.36 14.15 7.98
C THR B 139 -10.81 15.37 8.78
N PHE B 140 -10.98 16.57 8.22
CA PHE B 140 -10.52 17.80 8.89
C PHE B 140 -11.36 18.00 10.15
N PHE B 141 -12.66 17.70 10.04
CA PHE B 141 -13.60 17.80 11.17
C PHE B 141 -13.13 16.86 12.30
N LEU B 142 -12.82 15.60 11.97
CA LEU B 142 -12.42 14.61 13.01
C LEU B 142 -11.05 14.88 13.67
N VAL B 143 -10.06 15.35 12.90
CA VAL B 143 -8.74 15.62 13.53
C VAL B 143 -8.92 16.76 14.53
N ARG B 144 -9.70 17.77 14.17
CA ARG B 144 -9.97 18.89 15.07
C ARG B 144 -10.72 18.41 16.34
N TYR B 145 -11.72 17.54 16.15
CA TYR B 145 -12.49 17.00 17.30
C TYR B 145 -11.60 16.19 18.27
N VAL B 146 -10.87 15.20 17.77
CA VAL B 146 -9.99 14.37 18.64
C VAL B 146 -8.92 15.16 19.38
N ASN B 147 -8.34 16.15 18.70
CA ASN B 147 -7.33 17.01 19.31
C ASN B 147 -7.94 18.09 20.23
N SER B 148 -9.26 18.25 20.31
CA SER B 148 -9.80 19.32 21.16
C SER B 148 -9.70 19.09 22.69
N SER B 149 -9.60 17.84 23.13
CA SER B 149 -9.46 17.55 24.56
C SER B 149 -9.07 16.10 24.82
N PRO B 150 -8.35 15.84 25.92
CA PRO B 150 -7.91 14.49 26.30
C PRO B 150 -9.11 13.55 26.53
N GLU B 151 -10.20 14.12 27.07
CA GLU B 151 -11.40 13.34 27.37
C GLU B 151 -12.04 12.79 26.09
N ARG B 152 -12.05 13.59 25.04
CA ARG B 152 -12.63 13.17 23.77
C ARG B 152 -11.75 12.04 23.15
N ALA B 153 -10.42 12.24 23.12
CA ALA B 153 -9.51 11.23 22.56
C ALA B 153 -9.50 9.89 23.29
N ALA B 154 -9.77 9.90 24.59
CA ALA B 154 -9.79 8.67 25.38
C ALA B 154 -10.93 7.72 25.01
N LYS B 155 -11.94 8.21 24.30
CA LYS B 155 -13.04 7.33 23.92
C LYS B 155 -12.88 6.76 22.50
N VAL B 156 -11.74 6.99 21.85
CA VAL B 156 -11.45 6.52 20.50
C VAL B 156 -10.42 5.35 20.37
N ALA B 157 -10.85 4.19 19.84
CA ALA B 157 -9.95 3.03 19.62
C ALA B 157 -9.12 3.07 18.32
N HIS B 158 -9.74 3.49 17.22
CA HIS B 158 -9.06 3.64 15.90
C HIS B 158 -9.69 4.85 15.16
N LEU B 159 -8.88 5.54 14.34
CA LEU B 159 -9.34 6.70 13.53
C LEU B 159 -8.98 6.42 12.04
N ILE B 160 -9.98 6.50 11.14
CA ILE B 160 -9.81 6.23 9.69
C ILE B 160 -10.06 7.53 8.89
N LEU B 161 -9.10 7.95 8.04
CA LEU B 161 -9.18 9.21 7.27
C LEU B 161 -9.20 8.86 5.76
N LEU B 162 -10.36 9.01 5.11
CA LEU B 162 -10.52 8.62 3.69
C LEU B 162 -10.47 9.79 2.70
N ASP B 163 -9.42 9.77 1.87
CA ASP B 163 -9.18 10.74 0.80
C ASP B 163 -9.47 12.20 1.18
N GLY B 164 -8.79 12.65 2.23
CA GLY B 164 -8.94 14.01 2.73
C GLY B 164 -7.63 14.66 3.15
N VAL B 165 -7.47 14.98 4.43
CA VAL B 165 -6.27 15.65 4.91
C VAL B 165 -4.96 14.85 4.63
N TRP B 166 -3.83 15.57 4.40
CA TRP B 166 -2.53 14.94 4.15
C TRP B 166 -1.39 15.91 4.54
N GLY B 167 -0.17 15.38 4.68
CA GLY B 167 0.96 16.23 5.06
C GLY B 167 0.94 16.71 6.51
N VAL B 168 0.24 15.99 7.40
CA VAL B 168 0.15 16.36 8.83
C VAL B 168 0.44 15.09 9.69
N ASP B 169 0.59 15.26 11.01
CA ASP B 169 0.83 14.10 11.90
C ASP B 169 -0.49 13.52 12.42
N ALA B 170 -0.56 12.21 12.63
CA ALA B 170 -1.78 11.64 13.18
C ALA B 170 -1.95 12.09 14.65
N PRO B 171 -3.19 12.09 15.18
CA PRO B 171 -3.38 12.50 16.59
C PRO B 171 -2.55 11.61 17.54
N GLU B 172 -1.89 12.24 18.51
CA GLU B 172 -1.02 11.53 19.49
C GLU B 172 -1.64 10.33 20.23
N GLY B 173 -0.96 9.18 20.19
CA GLY B 173 -1.48 8.00 20.88
C GLY B 173 -2.78 7.34 20.40
N ILE B 174 -3.24 7.67 19.18
CA ILE B 174 -4.47 7.06 18.64
C ILE B 174 -4.15 6.32 17.33
N PRO B 175 -4.41 4.99 17.25
CA PRO B 175 -4.13 4.20 16.04
C PRO B 175 -4.88 4.82 14.85
N THR B 176 -4.14 5.22 13.82
CA THR B 176 -4.73 5.88 12.62
C THR B 176 -4.37 5.20 11.29
N LEU B 177 -5.34 5.19 10.36
CA LEU B 177 -5.19 4.62 9.01
C LEU B 177 -5.66 5.72 8.01
N ALA B 178 -4.86 5.99 6.96
CA ALA B 178 -5.22 6.97 5.93
C ALA B 178 -5.25 6.17 4.60
N VAL B 179 -6.30 6.39 3.78
CA VAL B 179 -6.44 5.68 2.50
C VAL B 179 -6.65 6.76 1.41
N PHE B 180 -5.80 6.76 0.36
CA PHE B 180 -5.89 7.76 -0.72
C PHE B 180 -6.16 7.18 -2.11
N GLY B 181 -6.93 7.92 -2.92
CA GLY B 181 -7.22 7.46 -4.28
C GLY B 181 -6.44 8.29 -5.31
N ASN B 182 -6.95 8.37 -6.55
CA ASN B 182 -6.31 9.13 -7.64
C ASN B 182 -7.38 9.89 -8.48
N PRO B 183 -8.06 10.89 -7.88
CA PRO B 183 -9.12 11.70 -8.54
C PRO B 183 -8.66 12.48 -9.79
N LYS B 184 -7.36 12.79 -9.84
CA LYS B 184 -6.76 13.54 -10.94
C LYS B 184 -6.30 12.64 -12.11
N ALA B 185 -6.46 11.33 -11.96
CA ALA B 185 -6.04 10.40 -12.99
C ALA B 185 -4.58 10.66 -13.37
N LEU B 186 -3.74 10.85 -12.35
CA LEU B 186 -2.34 11.06 -12.61
C LEU B 186 -1.75 9.72 -12.99
N PRO B 187 -0.81 9.74 -13.93
CA PRO B 187 -0.11 8.59 -14.47
C PRO B 187 0.95 8.05 -13.53
N ALA B 188 1.37 8.87 -12.56
CA ALA B 188 2.40 8.47 -11.63
C ALA B 188 1.92 7.52 -10.51
N LEU B 189 2.08 6.21 -10.73
CA LEU B 189 1.73 5.26 -9.69
C LEU B 189 3.05 5.14 -8.90
N GLY B 190 3.46 6.30 -8.40
CA GLY B 190 4.70 6.43 -7.66
C GLY B 190 4.97 5.45 -6.53
N LEU B 191 6.21 5.51 -6.05
CA LEU B 191 6.70 4.69 -4.96
C LEU B 191 6.59 5.64 -3.77
N PRO B 192 7.30 6.79 -3.81
CA PRO B 192 7.15 7.72 -2.69
C PRO B 192 5.98 8.64 -3.16
N GLU B 193 4.81 8.49 -2.55
CA GLU B 193 3.61 9.25 -2.93
C GLU B 193 3.56 10.71 -2.49
N GLU B 194 2.77 11.49 -3.22
CA GLU B 194 2.59 12.90 -2.93
C GLU B 194 1.84 13.17 -1.62
N LYS B 195 1.05 12.18 -1.16
CA LYS B 195 0.27 12.36 0.07
C LYS B 195 0.54 11.28 1.14
N VAL B 196 0.77 11.73 2.39
CA VAL B 196 1.04 10.82 3.50
C VAL B 196 0.60 11.46 4.81
N VAL B 197 0.19 10.63 5.77
CA VAL B 197 -0.17 11.13 7.10
C VAL B 197 0.88 10.48 8.00
N TYR B 198 1.74 11.30 8.60
CA TYR B 198 2.83 10.75 9.45
C TYR B 198 2.35 10.07 10.73
N ASN B 199 3.05 8.98 11.10
CA ASN B 199 2.71 8.19 12.27
C ASN B 199 1.42 7.36 12.09
N ALA B 200 0.94 7.24 10.85
CA ALA B 200 -0.23 6.39 10.52
C ALA B 200 0.16 5.29 9.48
N THR B 201 -0.74 4.33 9.31
CA THR B 201 -0.62 3.29 8.27
C THR B 201 -1.21 3.99 7.00
N ASN B 202 -0.55 3.94 5.83
CA ASN B 202 -1.04 4.59 4.59
C ASN B 202 -1.24 3.52 3.49
N VAL B 203 -2.42 3.51 2.87
CA VAL B 203 -2.80 2.54 1.80
C VAL B 203 -3.26 3.37 0.59
N TYR B 204 -2.89 2.91 -0.64
CA TYR B 204 -3.19 3.68 -1.86
C TYR B 204 -3.92 2.83 -2.91
N PHE B 205 -5.00 3.39 -3.50
CA PHE B 205 -5.78 2.71 -4.54
C PHE B 205 -5.68 3.66 -5.72
N ASN B 206 -4.69 3.44 -6.60
CA ASN B 206 -4.51 4.39 -7.71
C ASN B 206 -5.48 4.35 -8.88
N ASN B 207 -6.47 3.48 -8.83
CA ASN B 207 -7.48 3.41 -9.89
C ASN B 207 -8.87 3.92 -9.41
N MET B 208 -8.93 4.55 -8.23
CA MET B 208 -10.24 5.02 -7.73
C MET B 208 -10.44 6.53 -7.67
N THR B 209 -11.66 6.99 -7.97
CA THR B 209 -11.99 8.43 -7.92
C THR B 209 -12.44 8.77 -6.47
N HIS B 210 -12.74 10.04 -6.21
CA HIS B 210 -13.04 10.53 -4.83
C HIS B 210 -14.18 9.86 -4.02
N VAL B 211 -15.41 9.86 -4.53
CA VAL B 211 -16.52 9.20 -3.79
C VAL B 211 -16.46 7.66 -3.91
N GLN B 212 -16.01 7.15 -5.06
CA GLN B 212 -15.84 5.71 -5.25
C GLN B 212 -14.99 5.12 -4.10
N LEU B 213 -13.91 5.83 -3.72
CA LEU B 213 -13.01 5.34 -2.66
C LEU B 213 -13.78 5.09 -1.35
N CYS B 214 -14.65 6.05 -1.00
CA CYS B 214 -15.48 5.94 0.19
C CYS B 214 -16.45 4.76 0.18
N THR B 215 -17.04 4.39 -0.97
CA THR B 215 -18.07 3.32 -1.01
C THR B 215 -17.62 1.93 -1.52
N SER B 216 -16.35 1.84 -1.93
CA SER B 216 -15.80 0.59 -2.48
C SER B 216 -15.67 -0.64 -1.56
N PRO B 217 -15.90 -1.86 -2.11
CA PRO B 217 -15.75 -3.06 -1.26
C PRO B 217 -14.26 -3.27 -0.92
N GLU B 218 -13.32 -2.78 -1.74
CA GLU B 218 -11.88 -2.98 -1.40
C GLU B 218 -11.55 -2.11 -0.18
N THR B 219 -12.11 -0.90 -0.13
CA THR B 219 -11.88 -0.02 1.04
C THR B 219 -12.47 -0.66 2.28
N PHE B 220 -13.64 -1.28 2.13
CA PHE B 220 -14.25 -1.94 3.30
C PHE B 220 -13.32 -3.02 3.90
N ALA B 221 -12.68 -3.85 3.07
CA ALA B 221 -11.83 -4.92 3.64
C ALA B 221 -10.64 -4.36 4.45
N VAL B 222 -10.04 -3.28 3.94
CA VAL B 222 -8.93 -2.63 4.65
C VAL B 222 -9.42 -2.00 5.96
N MET B 223 -10.59 -1.37 5.96
CA MET B 223 -11.07 -0.77 7.23
C MET B 223 -11.42 -1.90 8.28
N PHE B 224 -12.08 -2.98 7.85
CA PHE B 224 -12.49 -4.08 8.77
C PHE B 224 -11.24 -4.74 9.41
N GLU B 225 -10.22 -5.01 8.59
CA GLU B 225 -8.95 -5.61 9.06
C GLU B 225 -8.21 -4.69 10.07
N PHE B 226 -8.20 -3.38 9.80
CA PHE B 226 -7.52 -2.45 10.70
C PHE B 226 -8.17 -2.35 12.09
N ILE B 227 -9.50 -2.34 12.15
CA ILE B 227 -10.17 -2.19 13.44
C ILE B 227 -10.44 -3.49 14.20
N ASN B 228 -10.47 -4.62 13.50
CA ASN B 228 -10.72 -5.93 14.14
C ASN B 228 -9.49 -6.85 14.24
N GLY B 229 -8.54 -6.70 13.30
CA GLY B 229 -7.33 -7.53 13.32
C GLY B 229 -7.34 -8.81 12.51
N TYR B 230 -8.37 -9.02 11.72
CA TYR B 230 -8.45 -10.22 10.88
C TYR B 230 -9.29 -9.80 9.70
N LYS B 231 -9.20 -10.54 8.59
CA LYS B 231 -9.96 -10.21 7.41
C LYS B 231 -11.44 -10.62 7.51
N PRO B 232 -12.35 -9.87 6.86
CA PRO B 232 -13.77 -10.22 6.91
C PRO B 232 -13.98 -11.48 6.04
N ALA B 233 -15.02 -12.26 6.30
CA ALA B 233 -15.27 -13.46 5.50
C ALA B 233 -15.76 -13.15 4.06
N THR B 234 -16.38 -11.99 3.86
CA THR B 234 -16.90 -11.59 2.53
C THR B 234 -16.99 -10.06 2.42
N THR B 235 -17.03 -9.53 1.18
CA THR B 235 -17.19 -8.06 1.01
C THR B 235 -18.50 -7.80 0.27
N ASP B 236 -19.27 -8.85 -0.01
CA ASP B 236 -20.55 -8.72 -0.70
C ASP B 236 -21.68 -8.30 0.25
N ILE B 237 -22.74 -7.72 -0.31
CA ILE B 237 -23.89 -7.38 0.53
C ILE B 237 -24.82 -8.60 0.43
N VAL B 238 -24.65 -9.49 1.41
CA VAL B 238 -25.39 -10.76 1.45
C VAL B 238 -26.85 -10.65 1.93
N PRO B 239 -27.81 -11.21 1.16
CA PRO B 239 -29.25 -11.21 1.50
C PRO B 239 -29.50 -11.98 2.81
N GLN B 240 -30.36 -11.45 3.68
CA GLN B 240 -30.70 -12.09 4.96
C GLN B 240 -31.74 -13.17 4.67
N ASP B 241 -32.03 -13.99 5.66
CA ASP B 241 -33.05 -15.05 5.50
C ASP B 241 -34.34 -14.35 5.98
N GLY B 242 -35.51 -14.85 5.60
CA GLY B 242 -36.74 -14.19 6.07
C GLY B 242 -37.35 -13.35 4.96
N ASP B 243 -38.67 -13.20 4.97
CA ASP B 243 -39.35 -12.44 3.89
C ASP B 243 -39.29 -10.91 3.97
N TYR B 244 -39.05 -10.38 5.16
CA TYR B 244 -39.05 -8.92 5.42
C TYR B 244 -37.73 -8.22 5.83
N VAL B 245 -37.66 -6.89 5.63
CA VAL B 245 -36.47 -6.12 6.05
C VAL B 245 -36.91 -4.86 6.76
N LYS B 246 -36.07 -4.34 7.69
CA LYS B 246 -36.36 -3.11 8.40
C LYS B 246 -35.64 -1.94 7.68
N VAL B 247 -36.37 -0.85 7.36
CA VAL B 247 -35.75 0.31 6.71
C VAL B 247 -35.93 1.58 7.55
N LYS B 248 -34.83 2.27 7.88
CA LYS B 248 -34.91 3.56 8.62
C LYS B 248 -34.32 4.56 7.62
N GLY B 249 -35.05 5.63 7.32
CA GLY B 249 -34.55 6.62 6.36
C GLY B 249 -34.84 8.05 6.77
N LYS B 250 -34.45 9.01 5.92
CA LYS B 250 -34.74 10.42 6.27
C LYS B 250 -34.88 11.26 4.99
N PHE B 251 -35.81 12.23 4.98
CA PHE B 251 -35.91 13.21 3.89
C PHE B 251 -35.20 14.48 4.45
N LEU B 252 -34.20 14.99 3.74
CA LEU B 252 -33.44 16.12 4.28
C LEU B 252 -32.94 17.00 3.14
N ALA B 253 -32.53 18.23 3.47
CA ALA B 253 -32.09 19.20 2.43
C ALA B 253 -30.66 18.95 1.93
N PHE B 254 -30.46 19.01 0.62
CA PHE B 254 -29.12 18.84 0.03
C PHE B 254 -28.13 19.87 0.62
N ALA B 255 -26.95 19.39 1.04
CA ALA B 255 -25.82 20.19 1.52
C ALA B 255 -25.91 20.76 2.94
N THR B 256 -27.06 21.34 3.27
CA THR B 256 -27.26 21.90 4.64
C THR B 256 -27.82 20.85 5.61
N ASN B 257 -28.44 19.79 5.05
CA ASN B 257 -28.92 18.62 5.81
C ASN B 257 -29.99 18.78 6.91
N GLY B 258 -30.75 19.87 6.86
CA GLY B 258 -31.85 20.00 7.85
C GLY B 258 -33.05 19.07 7.52
N ASP B 259 -33.82 18.65 8.54
CA ASP B 259 -35.04 17.82 8.29
C ASP B 259 -36.05 18.54 7.36
N VAL B 260 -36.78 17.75 6.56
CA VAL B 260 -37.82 18.29 5.65
C VAL B 260 -39.16 17.60 6.01
N SER B 261 -40.26 18.37 5.98
CA SER B 261 -41.61 17.86 6.27
C SER B 261 -42.44 17.62 4.96
N GLY B 262 -43.21 16.52 4.93
CA GLY B 262 -44.03 16.20 3.74
C GLY B 262 -44.95 14.99 3.97
N TRP B 263 -45.34 14.32 2.89
CA TRP B 263 -46.26 13.18 2.91
C TRP B 263 -45.66 12.08 2.05
N LEU B 264 -45.48 10.89 2.63
CA LEU B 264 -44.87 9.73 1.92
C LEU B 264 -45.85 8.57 1.65
N SER B 265 -45.91 8.10 0.39
CA SER B 265 -46.75 6.97 -0.04
C SER B 265 -45.84 5.96 -0.73
N ILE B 266 -45.85 4.70 -0.29
CA ILE B 266 -44.99 3.63 -0.86
C ILE B 266 -45.86 2.59 -1.58
N TYR B 267 -45.52 2.28 -2.85
CA TYR B 267 -46.27 1.30 -3.66
C TYR B 267 -45.36 0.19 -4.26
N PRO B 268 -45.76 -1.09 -4.19
CA PRO B 268 -44.95 -2.15 -4.80
C PRO B 268 -45.28 -2.02 -6.31
N ILE B 269 -44.27 -2.23 -7.19
CA ILE B 269 -44.47 -2.09 -8.63
C ILE B 269 -43.97 -3.31 -9.41
N ASP B 270 -44.49 -3.48 -10.65
CA ASP B 270 -44.09 -4.59 -11.57
C ASP B 270 -42.86 -4.23 -12.44
N GLU B 271 -42.47 -5.13 -13.34
CA GLU B 271 -41.26 -4.91 -14.15
C GLU B 271 -41.29 -3.73 -15.09
N ASN B 272 -42.48 -3.14 -15.28
CA ASN B 272 -42.63 -1.96 -16.15
C ASN B 272 -42.94 -0.67 -15.33
N GLY B 273 -42.92 -0.76 -14.01
CA GLY B 273 -43.21 0.44 -13.22
C GLY B 273 -44.66 0.64 -12.78
N LYS B 274 -45.58 -0.25 -13.19
CA LYS B 274 -47.00 -0.10 -12.82
C LYS B 274 -47.28 -0.49 -11.38
N ARG B 275 -48.09 0.31 -10.67
CA ARG B 275 -48.42 0.01 -9.26
C ARG B 275 -49.25 -1.28 -9.14
N LEU B 276 -48.90 -2.17 -8.20
CA LEU B 276 -49.59 -3.45 -8.01
C LEU B 276 -50.75 -3.41 -6.99
N THR B 277 -50.87 -2.33 -6.23
CA THR B 277 -51.97 -2.18 -5.27
C THR B 277 -52.75 -0.88 -5.53
N ARG B 278 -54.06 -0.88 -5.20
CA ARG B 278 -54.91 0.30 -5.40
C ARG B 278 -54.59 1.40 -4.38
N LEU B 279 -54.34 0.99 -3.13
CA LEU B 279 -53.94 1.91 -2.06
C LEU B 279 -52.45 1.67 -1.74
N PRO B 280 -51.71 2.71 -1.32
CA PRO B 280 -50.29 2.37 -1.03
C PRO B 280 -50.15 1.39 0.15
N VAL B 281 -49.05 0.64 0.25
CA VAL B 281 -48.88 -0.28 1.41
C VAL B 281 -48.48 0.43 2.71
N LYS B 282 -47.86 1.62 2.58
CA LYS B 282 -47.52 2.45 3.73
C LYS B 282 -47.81 3.92 3.36
N PHE B 283 -48.43 4.69 4.27
CA PHE B 283 -48.73 6.11 4.00
C PHE B 283 -48.53 6.84 5.35
N MET B 284 -47.72 7.89 5.37
CA MET B 284 -47.42 8.64 6.61
C MET B 284 -46.99 10.10 6.45
N ARG B 285 -47.21 10.86 7.52
CA ARG B 285 -46.79 12.26 7.59
C ARG B 285 -45.34 12.15 8.03
N VAL B 286 -44.42 12.68 7.23
CA VAL B 286 -42.99 12.60 7.58
C VAL B 286 -42.41 13.96 8.02
N LYS B 287 -41.58 13.94 9.06
CA LYS B 287 -40.86 15.14 9.50
C LYS B 287 -39.45 14.64 9.75
N GLY B 288 -38.65 14.64 8.68
CA GLY B 288 -37.28 14.15 8.77
C GLY B 288 -37.19 12.62 8.73
N ASP B 289 -36.91 11.99 9.87
CA ASP B 289 -36.74 10.55 9.99
C ASP B 289 -38.06 9.77 9.88
N PHE B 290 -37.98 8.53 9.37
CA PHE B 290 -39.13 7.61 9.25
C PHE B 290 -38.66 6.14 9.28
N GLU B 291 -39.56 5.21 9.64
CA GLU B 291 -39.19 3.78 9.72
C GLU B 291 -40.34 2.94 9.22
N VAL B 292 -40.04 1.93 8.38
CA VAL B 292 -41.08 1.04 7.85
C VAL B 292 -40.53 -0.40 7.66
N ARG B 293 -41.44 -1.40 7.63
CA ARG B 293 -41.07 -2.80 7.38
C ARG B 293 -41.54 -3.09 5.94
N LEU B 294 -40.66 -3.62 5.10
CA LEU B 294 -40.97 -3.89 3.69
C LEU B 294 -40.54 -5.30 3.24
N ARG B 295 -40.95 -5.71 2.04
CA ARG B 295 -40.58 -7.07 1.56
C ARG B 295 -39.18 -7.17 0.91
N LYS B 296 -38.37 -8.15 1.34
CA LYS B 296 -37.05 -8.39 0.73
C LYS B 296 -37.18 -8.74 -0.74
N GLY B 297 -36.34 -8.11 -1.58
CA GLY B 297 -36.31 -8.35 -3.02
C GLY B 297 -37.43 -7.76 -3.87
N GLN B 298 -38.36 -7.01 -3.27
CA GLN B 298 -39.49 -6.41 -4.01
C GLN B 298 -39.15 -4.96 -4.52
N LEU B 299 -39.48 -4.67 -5.80
CA LEU B 299 -39.28 -3.33 -6.39
C LEU B 299 -40.37 -2.40 -5.82
N TYR B 300 -39.99 -1.17 -5.46
CA TYR B 300 -40.93 -0.18 -4.90
C TYR B 300 -40.73 1.20 -5.51
N GLU B 301 -41.81 1.99 -5.45
CA GLU B 301 -41.81 3.42 -5.86
C GLU B 301 -42.05 4.17 -4.53
N PHE B 302 -41.21 5.17 -4.20
CA PHE B 302 -41.43 5.99 -3.00
C PHE B 302 -41.98 7.34 -3.53
N GLN B 303 -43.26 7.66 -3.31
CA GLN B 303 -43.83 8.93 -3.77
C GLN B 303 -43.81 9.94 -2.62
N PHE B 304 -43.37 11.18 -2.89
CA PHE B 304 -43.31 12.24 -1.84
C PHE B 304 -43.81 13.61 -2.30
N ARG B 305 -44.53 14.36 -1.43
CA ARG B 305 -44.91 15.74 -1.75
C ARG B 305 -44.35 16.57 -0.56
N LYS B 306 -43.56 17.62 -0.80
CA LYS B 306 -43.02 18.42 0.32
C LYS B 306 -43.97 19.58 0.69
N ASP B 307 -43.97 20.03 1.95
CA ASP B 307 -44.85 21.15 2.34
C ASP B 307 -44.63 22.39 1.47
N PHE B 308 -45.76 23.05 1.17
CA PHE B 308 -45.80 24.29 0.42
C PHE B 308 -45.52 24.26 -1.09
N SER B 309 -45.46 23.06 -1.68
CA SER B 309 -45.28 22.90 -3.15
C SER B 309 -46.24 21.80 -3.66
N PRO B 310 -46.86 21.98 -4.85
CA PRO B 310 -47.79 21.00 -5.45
C PRO B 310 -47.07 19.89 -6.25
N ILE B 311 -45.77 20.06 -6.51
CA ILE B 311 -44.99 19.08 -7.27
C ILE B 311 -44.95 17.66 -6.62
N ILE B 312 -45.13 16.60 -7.42
CA ILE B 312 -45.06 15.22 -6.90
C ILE B 312 -43.73 14.58 -7.30
N TYR B 313 -42.96 14.12 -6.29
CA TYR B 313 -41.65 13.47 -6.52
C TYR B 313 -41.77 11.93 -6.48
N HIS B 314 -41.07 11.27 -7.39
CA HIS B 314 -41.10 9.81 -7.47
C HIS B 314 -39.63 9.29 -7.40
N TYR B 315 -39.26 8.64 -6.29
CA TYR B 315 -37.89 8.07 -6.08
C TYR B 315 -37.85 6.52 -6.35
N TYR B 316 -36.87 6.08 -7.14
CA TYR B 316 -36.75 4.65 -7.54
C TYR B 316 -35.31 4.19 -7.27
N ARG B 317 -35.14 2.90 -6.95
CA ARG B 317 -33.80 2.28 -6.69
C ARG B 317 -33.96 0.74 -6.67
N ALA B 318 -32.85 -0.01 -6.57
CA ALA B 318 -32.94 -1.48 -6.53
C ALA B 318 -33.60 -1.99 -5.23
N PRO B 319 -34.15 -3.22 -5.24
CA PRO B 319 -34.80 -3.80 -4.05
C PRO B 319 -33.85 -3.87 -2.84
N PHE B 320 -34.41 -3.82 -1.62
CA PHE B 320 -33.59 -3.97 -0.42
C PHE B 320 -33.35 -5.48 -0.18
N VAL B 321 -32.10 -5.93 0.04
CA VAL B 321 -31.88 -7.38 0.30
C VAL B 321 -31.51 -7.72 1.77
N ARG B 322 -31.31 -6.66 2.57
CA ARG B 322 -30.96 -6.71 4.01
C ARG B 322 -31.58 -5.47 4.69
N ASP B 323 -31.52 -5.41 6.03
CA ASP B 323 -31.99 -4.22 6.77
C ASP B 323 -31.13 -3.05 6.28
N ASP B 324 -31.69 -1.85 6.18
CA ASP B 324 -30.94 -0.65 5.70
C ASP B 324 -31.34 0.49 6.63
N LEU B 325 -30.47 0.85 7.57
CA LEU B 325 -30.79 1.88 8.56
C LEU B 325 -30.22 3.28 8.23
N TRP B 326 -29.74 3.44 6.99
CA TRP B 326 -29.07 4.69 6.55
C TRP B 326 -29.58 5.26 5.17
N ALA B 327 -30.84 5.00 4.82
CA ALA B 327 -31.35 5.48 3.51
C ALA B 327 -31.64 7.00 3.53
N ARG B 328 -31.29 7.68 2.43
CA ARG B 328 -31.44 9.14 2.35
C ARG B 328 -32.13 9.55 1.04
N PHE B 329 -33.12 10.41 1.17
CA PHE B 329 -33.90 10.95 0.03
C PHE B 329 -33.67 12.47 0.06
N LEU B 330 -32.88 12.96 -0.89
CA LEU B 330 -32.53 14.37 -0.94
C LEU B 330 -33.62 15.27 -1.54
N VAL B 331 -33.76 16.47 -0.96
CA VAL B 331 -34.77 17.50 -1.33
C VAL B 331 -34.01 18.81 -1.52
N SER B 332 -34.49 19.68 -2.41
CA SER B 332 -33.84 20.98 -2.69
C SER B 332 -34.49 22.10 -1.87
N LYS B 333 -33.67 22.90 -1.16
CA LYS B 333 -34.17 24.04 -0.35
C LYS B 333 -33.15 25.20 -0.35
N PRO B 334 -33.59 26.45 0.00
CA PRO B 334 -32.63 27.57 0.05
C PRO B 334 -31.76 27.22 1.29
N PRO B 335 -30.53 27.73 1.37
CA PRO B 335 -29.86 28.63 0.42
C PRO B 335 -29.27 28.04 -0.87
N LEU B 336 -29.22 26.71 -0.99
CA LEU B 336 -28.68 26.09 -2.20
C LEU B 336 -29.82 25.34 -2.94
N ASP B 337 -30.82 26.10 -3.43
CA ASP B 337 -31.98 25.54 -4.10
C ASP B 337 -31.62 25.15 -5.56
N VAL B 338 -30.88 24.05 -5.69
CA VAL B 338 -30.42 23.61 -7.02
C VAL B 338 -31.55 23.28 -7.98
N GLU B 339 -32.71 22.92 -7.44
CA GLU B 339 -33.85 22.59 -8.28
C GLU B 339 -34.40 23.75 -9.12
N LEU B 340 -34.10 24.99 -8.70
CA LEU B 340 -34.53 26.19 -9.44
C LEU B 340 -33.95 26.19 -10.85
N LEU B 341 -32.87 25.44 -11.07
CA LEU B 341 -32.25 25.44 -12.39
C LEU B 341 -33.03 24.72 -13.50
N ILE B 342 -34.08 24.00 -13.15
CA ILE B 342 -34.84 23.39 -14.25
C ILE B 342 -36.18 24.13 -14.43
N LEU B 343 -36.34 25.23 -13.69
CA LEU B 343 -37.62 25.93 -13.67
C LEU B 343 -38.09 26.60 -14.94
N PRO B 344 -37.19 27.33 -15.63
CA PRO B 344 -37.74 27.95 -16.85
C PRO B 344 -38.49 26.91 -17.73
N GLU B 345 -37.88 25.77 -17.94
CA GLU B 345 -38.48 24.73 -18.78
C GLU B 345 -39.72 24.05 -18.17
N ARG B 346 -39.71 23.82 -16.84
CA ARG B 346 -40.85 23.19 -16.18
C ARG B 346 -42.14 23.99 -16.37
N LEU B 347 -41.98 25.31 -16.54
CA LEU B 347 -43.12 26.22 -16.68
C LEU B 347 -43.61 26.44 -18.11
N SER B 348 -42.90 25.86 -19.07
CA SER B 348 -43.28 26.04 -20.49
C SER B 348 -44.49 25.22 -20.87
N PRO B 349 -45.32 25.75 -21.80
CA PRO B 349 -46.49 24.99 -22.21
C PRO B 349 -46.07 23.60 -22.67
N ALA B 350 -44.83 23.49 -23.14
CA ALA B 350 -44.27 22.23 -23.63
C ALA B 350 -43.87 21.18 -22.57
N ALA B 351 -43.84 21.57 -21.30
CA ALA B 351 -43.45 20.65 -20.22
C ALA B 351 -44.48 19.51 -20.06
N LYS B 352 -45.69 19.71 -20.58
CA LYS B 352 -46.71 18.67 -20.49
C LYS B 352 -46.37 17.46 -21.40
N GLU B 353 -45.47 17.68 -22.36
CA GLU B 353 -45.07 16.67 -23.37
C GLU B 353 -43.79 15.85 -23.11
N THR B 354 -42.96 16.25 -22.12
CA THR B 354 -41.69 15.54 -21.87
C THR B 354 -41.48 15.28 -20.37
N SER B 355 -40.52 14.40 -20.05
CA SER B 355 -40.19 14.07 -18.64
C SER B 355 -38.87 14.73 -18.19
N GLY B 356 -38.66 14.84 -16.86
CA GLY B 356 -37.43 15.46 -16.33
C GLY B 356 -36.87 14.52 -15.26
N LEU B 357 -35.62 14.08 -15.42
CA LEU B 357 -35.03 13.13 -14.47
C LEU B 357 -33.71 13.56 -13.83
N LEU B 358 -33.44 12.96 -12.65
CA LEU B 358 -32.15 13.14 -11.94
C LEU B 358 -31.61 11.70 -11.69
N LEU B 359 -30.40 11.40 -12.21
CA LEU B 359 -29.76 10.09 -12.02
C LEU B 359 -28.62 10.25 -10.99
N ILE B 360 -28.64 9.41 -9.93
CA ILE B 360 -27.63 9.51 -8.88
C ILE B 360 -26.80 8.21 -8.69
N ARG B 361 -25.47 8.34 -8.51
CA ARG B 361 -24.66 7.14 -8.16
C ARG B 361 -23.48 7.63 -7.32
N TYR B 362 -23.30 7.07 -6.09
CA TYR B 362 -22.16 7.45 -5.21
C TYR B 362 -20.89 6.70 -5.60
N LYS B 363 -20.46 6.99 -6.84
CA LYS B 363 -19.29 6.40 -7.48
C LYS B 363 -19.30 7.12 -8.83
N GLU B 364 -18.33 8.01 -9.04
CA GLU B 364 -18.28 8.85 -10.24
C GLU B 364 -18.63 8.20 -11.61
N MET B 365 -19.53 8.86 -12.36
CA MET B 365 -19.91 8.40 -13.72
C MET B 365 -18.91 9.14 -14.67
N ILE B 366 -18.02 8.36 -15.30
CA ILE B 366 -16.93 8.91 -16.15
C ILE B 366 -17.08 8.59 -17.64
N GLY B 367 -17.13 9.61 -18.49
CA GLY B 367 -17.25 9.40 -19.94
C GLY B 367 -15.99 9.66 -20.78
N GLU B 368 -14.91 10.05 -20.10
CA GLU B 368 -13.62 10.38 -20.74
C GLU B 368 -12.63 9.25 -20.40
N TYR B 369 -12.03 8.63 -21.43
CA TYR B 369 -11.11 7.52 -21.20
C TYR B 369 -9.73 7.87 -20.65
N ASP B 370 -9.28 7.15 -19.63
CA ASP B 370 -7.95 7.35 -19.07
C ASP B 370 -7.38 6.03 -18.51
N GLU B 371 -6.14 5.74 -18.86
CA GLU B 371 -5.48 4.51 -18.43
C GLU B 371 -5.55 4.23 -16.92
N GLU B 372 -5.10 5.18 -16.11
CA GLU B 372 -5.10 5.00 -14.65
C GLU B 372 -6.43 4.52 -14.08
N ILE B 373 -7.52 5.16 -14.51
CA ILE B 373 -8.84 4.77 -14.02
C ILE B 373 -9.22 3.42 -14.63
N GLY B 374 -8.93 3.22 -15.91
CA GLY B 374 -9.23 1.92 -16.49
C GLY B 374 -10.29 1.74 -17.56
N GLY B 375 -11.41 2.47 -17.47
CA GLY B 375 -12.46 2.37 -18.48
C GLY B 375 -13.52 3.45 -18.35
N VAL B 376 -14.57 3.41 -19.18
CA VAL B 376 -15.63 4.42 -19.08
C VAL B 376 -16.97 3.75 -18.75
N ASP B 377 -17.88 4.53 -18.17
CA ASP B 377 -19.22 4.04 -17.84
C ASP B 377 -20.07 4.42 -19.08
N GLU B 378 -21.20 3.74 -19.25
CA GLU B 378 -22.16 4.06 -20.32
C GLU B 378 -23.51 4.14 -19.58
N VAL B 379 -24.31 5.19 -19.84
CA VAL B 379 -25.62 5.35 -19.19
C VAL B 379 -26.63 5.68 -20.31
N TYR B 380 -27.52 4.74 -20.65
CA TYR B 380 -28.48 4.90 -21.73
C TYR B 380 -29.89 5.26 -21.26
N VAL B 381 -30.48 6.31 -21.86
CA VAL B 381 -31.86 6.70 -21.53
C VAL B 381 -32.60 6.55 -22.90
N ASN B 382 -33.58 5.65 -22.95
CA ASN B 382 -34.30 5.34 -24.18
C ASN B 382 -33.30 5.07 -25.35
N GLY B 383 -32.20 4.38 -25.03
CA GLY B 383 -31.19 4.05 -26.03
C GLY B 383 -30.09 5.06 -26.34
N VAL B 384 -30.18 6.28 -25.81
CA VAL B 384 -29.13 7.29 -26.04
C VAL B 384 -28.11 7.36 -24.86
N ASN B 385 -26.82 7.27 -25.15
CA ASN B 385 -25.79 7.31 -24.06
C ASN B 385 -25.58 8.78 -23.64
N VAL B 386 -25.96 9.12 -22.40
CA VAL B 386 -25.77 10.48 -21.91
C VAL B 386 -24.46 10.72 -21.11
N CYS B 387 -23.66 9.66 -20.92
CA CYS B 387 -22.37 9.76 -20.20
C CYS B 387 -21.28 9.95 -21.27
N THR B 388 -21.19 11.17 -21.81
CA THR B 388 -20.21 11.44 -22.88
C THR B 388 -18.92 12.08 -22.38
N GLU B 389 -17.89 12.17 -23.23
CA GLU B 389 -16.62 12.77 -22.81
C GLU B 389 -16.83 14.23 -22.42
N ARG B 390 -17.79 14.86 -23.10
CA ARG B 390 -18.11 16.27 -22.85
C ARG B 390 -19.04 16.54 -21.64
N ILE B 391 -19.99 15.64 -21.41
CA ILE B 391 -20.97 15.79 -20.30
C ILE B 391 -20.41 15.24 -18.98
N CYS B 392 -19.65 14.16 -19.04
CA CYS B 392 -19.05 13.56 -17.81
C CYS B 392 -17.50 13.43 -17.85
N PRO B 393 -16.77 14.56 -17.95
CA PRO B 393 -15.30 14.47 -17.98
C PRO B 393 -14.79 14.12 -16.58
N ILE B 394 -13.58 13.60 -16.49
CA ILE B 394 -13.01 13.23 -15.19
C ILE B 394 -13.01 14.38 -14.16
N GLU B 395 -12.66 15.59 -14.59
CA GLU B 395 -12.58 16.72 -13.65
C GLU B 395 -13.91 17.12 -12.98
N ARG B 396 -15.07 16.76 -13.57
CA ARG B 396 -16.36 17.13 -12.97
C ARG B 396 -16.89 16.19 -11.86
N ALA B 397 -16.26 15.02 -11.74
CA ALA B 397 -16.59 14.02 -10.69
C ALA B 397 -18.12 13.86 -10.57
N VAL B 398 -18.79 13.48 -11.68
CA VAL B 398 -20.25 13.44 -11.63
C VAL B 398 -20.93 12.36 -10.79
N ASN B 399 -21.63 12.75 -9.71
CA ASN B 399 -22.44 11.81 -8.89
C ASN B 399 -23.98 12.09 -9.14
N GLY B 400 -24.35 13.26 -9.70
CA GLY B 400 -25.78 13.58 -9.98
C GLY B 400 -25.88 14.14 -11.42
N LEU B 401 -26.64 13.47 -12.28
CA LEU B 401 -26.76 13.88 -13.71
C LEU B 401 -28.24 14.20 -14.02
N TRP B 402 -28.51 15.47 -14.35
CA TRP B 402 -29.87 15.95 -14.66
C TRP B 402 -30.14 15.70 -16.16
N VAL B 403 -31.30 15.14 -16.49
CA VAL B 403 -31.63 14.84 -17.89
C VAL B 403 -33.01 15.46 -18.25
N PHE B 404 -33.04 16.43 -19.17
CA PHE B 404 -34.28 17.12 -19.53
C PHE B 404 -34.10 17.93 -20.84
N ASP B 405 -35.20 18.47 -21.38
CA ASP B 405 -35.13 19.25 -22.65
C ASP B 405 -34.76 20.72 -22.41
N ARG B 406 -33.46 21.01 -22.38
CA ARG B 406 -32.92 22.38 -22.18
C ARG B 406 -33.49 23.23 -23.30
N GLY B 407 -34.06 24.40 -22.95
CA GLY B 407 -34.65 25.28 -23.98
C GLY B 407 -36.12 25.02 -24.32
N ALA B 408 -36.62 23.83 -23.92
CA ALA B 408 -38.00 23.39 -24.15
C ALA B 408 -38.37 23.58 -25.61
N ASP B 409 -37.42 23.22 -26.47
CA ASP B 409 -37.57 23.37 -27.93
C ASP B 409 -37.84 22.12 -28.72
N GLY B 410 -37.96 20.97 -28.06
CA GLY B 410 -38.21 19.75 -28.81
C GLY B 410 -36.98 19.22 -29.53
N LYS B 411 -35.79 19.75 -29.22
CA LYS B 411 -34.55 19.26 -29.85
C LYS B 411 -33.50 18.71 -28.83
N SER B 412 -32.93 17.53 -29.08
CA SER B 412 -31.91 16.93 -28.20
C SER B 412 -30.49 17.32 -28.67
N ASP B 413 -30.00 18.49 -28.26
CA ASP B 413 -28.68 18.95 -28.66
C ASP B 413 -27.63 18.54 -27.62
N LEU B 414 -27.28 17.26 -27.60
CA LEU B 414 -26.33 16.71 -26.64
C LEU B 414 -24.93 17.27 -26.65
N ASP B 415 -24.47 17.77 -27.80
CA ASP B 415 -23.12 18.33 -27.88
C ASP B 415 -22.96 19.76 -27.41
N ARG B 416 -24.07 20.42 -27.11
CA ARG B 416 -24.04 21.79 -26.59
C ARG B 416 -24.20 21.74 -25.06
N GLU B 417 -23.12 22.05 -24.33
CA GLU B 417 -23.15 22.02 -22.85
C GLU B 417 -24.29 22.80 -22.19
N VAL B 418 -24.86 22.25 -21.11
CA VAL B 418 -25.92 22.96 -20.37
C VAL B 418 -25.15 23.75 -19.27
N VAL B 419 -24.76 24.96 -19.63
CA VAL B 419 -23.95 25.88 -18.81
C VAL B 419 -24.27 26.08 -17.31
N ARG B 420 -25.55 26.23 -16.98
CA ARG B 420 -25.98 26.51 -15.60
C ARG B 420 -25.52 25.55 -14.50
N TYR B 421 -25.14 24.33 -14.85
CA TYR B 421 -24.69 23.37 -13.84
C TYR B 421 -23.18 23.29 -13.66
N SER B 422 -22.43 24.03 -14.47
CA SER B 422 -20.98 23.98 -14.40
C SER B 422 -20.45 24.43 -13.03
N ILE B 423 -21.22 25.26 -12.36
CA ILE B 423 -20.88 25.82 -11.06
C ILE B 423 -21.21 24.92 -9.85
N MET B 424 -22.13 23.98 -10.01
CA MET B 424 -22.54 23.11 -8.92
C MET B 424 -21.59 21.95 -8.60
N PRO B 425 -21.46 21.60 -7.31
CA PRO B 425 -20.58 20.51 -6.89
C PRO B 425 -21.05 19.10 -7.30
N PHE B 426 -20.17 18.31 -7.91
CA PHE B 426 -20.48 16.90 -8.28
C PHE B 426 -21.66 16.69 -9.21
N MET B 427 -22.01 17.69 -10.01
CA MET B 427 -23.15 17.57 -10.93
C MET B 427 -22.88 17.97 -12.40
N SER B 428 -23.78 17.49 -13.27
CA SER B 428 -23.75 17.88 -14.70
C SER B 428 -25.18 17.71 -15.29
N ALA B 429 -25.35 17.98 -16.59
CA ALA B 429 -26.67 17.83 -17.20
C ALA B 429 -26.57 17.47 -18.71
N ALA B 430 -27.60 16.82 -19.21
CA ALA B 430 -27.66 16.43 -20.64
C ALA B 430 -29.00 16.92 -21.27
N ASP B 431 -28.94 17.58 -22.42
CA ASP B 431 -30.15 18.06 -23.10
C ASP B 431 -30.70 16.90 -23.97
N LEU B 432 -31.68 16.16 -23.44
CA LEU B 432 -32.31 15.02 -24.16
C LEU B 432 -33.84 15.08 -24.08
N VAL B 433 -34.53 14.95 -25.23
CA VAL B 433 -36.00 14.95 -25.26
C VAL B 433 -36.47 13.51 -24.84
N VAL B 434 -37.25 13.40 -23.75
CA VAL B 434 -37.76 12.10 -23.27
C VAL B 434 -39.31 12.27 -23.33
N PRO B 435 -39.98 11.68 -24.36
CA PRO B 435 -41.44 11.81 -24.48
C PRO B 435 -42.22 11.33 -23.24
N ALA B 436 -43.22 12.10 -22.80
CA ALA B 436 -44.03 11.70 -21.63
C ALA B 436 -45.21 10.76 -21.99
N GLU B 437 -44.91 9.64 -22.62
CA GLU B 437 -45.95 8.66 -22.97
C GLU B 437 -45.32 7.28 -22.72
N GLY B 438 -46.10 6.38 -22.15
CA GLY B 438 -45.58 5.04 -21.94
C GLY B 438 -44.58 4.95 -20.80
N THR B 439 -43.48 4.28 -21.06
CA THR B 439 -42.46 4.11 -20.03
C THR B 439 -41.12 4.72 -20.51
N ILE B 440 -40.13 4.78 -19.61
CA ILE B 440 -38.77 5.29 -19.90
C ILE B 440 -37.85 4.12 -19.52
N SER B 441 -36.90 3.82 -20.39
CA SER B 441 -35.90 2.76 -20.21
C SER B 441 -34.58 3.40 -19.78
N ILE B 442 -33.94 2.89 -18.73
CA ILE B 442 -32.66 3.42 -18.22
C ILE B 442 -31.70 2.26 -17.95
N ALA B 443 -30.50 2.29 -18.52
CA ALA B 443 -29.56 1.17 -18.34
C ALA B 443 -28.13 1.61 -18.16
N VAL B 444 -27.46 1.07 -17.15
CA VAL B 444 -26.06 1.44 -16.90
C VAL B 444 -25.13 0.22 -17.05
N LYS B 445 -24.02 0.41 -17.77
CA LYS B 445 -22.96 -0.61 -17.96
C LYS B 445 -21.76 0.05 -17.26
N SER B 446 -21.39 -0.49 -16.08
CA SER B 446 -20.31 0.06 -15.23
C SER B 446 -18.86 -0.12 -15.68
N ARG B 447 -18.04 0.90 -15.42
CA ARG B 447 -16.62 0.81 -15.79
C ARG B 447 -15.88 -0.33 -15.07
N THR B 448 -16.37 -0.78 -13.92
CA THR B 448 -15.65 -1.87 -13.27
C THR B 448 -16.31 -3.21 -13.59
N GLY B 449 -17.34 -3.19 -14.45
CA GLY B 449 -18.02 -4.42 -14.84
C GLY B 449 -19.46 -4.59 -14.33
N GLY B 450 -20.29 -5.29 -15.09
CA GLY B 450 -21.66 -5.49 -14.64
C GLY B 450 -22.65 -4.45 -15.16
N GLU B 451 -23.95 -4.75 -15.03
CA GLU B 451 -24.96 -3.81 -15.50
C GLU B 451 -26.22 -3.86 -14.68
N GLU B 452 -27.02 -2.80 -14.77
CA GLU B 452 -28.25 -2.69 -13.99
C GLU B 452 -29.23 -1.91 -14.89
N SER B 453 -30.50 -2.28 -14.89
CA SER B 453 -31.49 -1.54 -15.68
C SER B 453 -32.83 -1.32 -14.96
N PHE B 454 -33.56 -0.28 -15.39
CA PHE B 454 -34.87 0.06 -14.86
C PHE B 454 -35.87 0.43 -15.98
N THR B 455 -37.16 0.19 -15.71
CA THR B 455 -38.27 0.61 -16.59
C THR B 455 -39.30 1.28 -15.64
N ILE B 456 -39.62 2.54 -15.90
CA ILE B 456 -40.57 3.27 -15.06
C ILE B 456 -41.56 4.10 -15.91
N PRO B 457 -42.66 4.57 -15.29
CA PRO B 457 -43.63 5.37 -16.07
C PRO B 457 -43.02 6.72 -16.51
N ALA B 458 -43.44 7.23 -17.67
CA ALA B 458 -42.91 8.51 -18.13
C ALA B 458 -43.75 9.71 -17.61
N TRP B 459 -43.61 10.03 -16.31
CA TRP B 459 -44.35 11.13 -15.68
C TRP B 459 -44.04 12.49 -16.35
N SER B 460 -45.06 13.33 -16.60
CA SER B 460 -44.78 14.62 -17.28
C SER B 460 -44.12 15.67 -16.34
N ALA B 461 -43.20 16.47 -16.89
CA ALA B 461 -42.43 17.46 -16.13
C ALA B 461 -43.19 18.68 -15.61
N ASP B 462 -44.37 18.96 -16.14
CA ASP B 462 -45.12 20.10 -15.63
C ASP B 462 -45.58 19.87 -14.16
N ARG B 463 -45.82 18.61 -13.80
CA ARG B 463 -46.33 18.29 -12.48
C ARG B 463 -45.52 17.31 -11.64
N HIS B 464 -44.58 16.61 -12.27
CA HIS B 464 -43.80 15.53 -11.62
C HIS B 464 -42.27 15.61 -11.79
N SER B 465 -41.52 15.06 -10.82
CA SER B 465 -40.04 15.03 -10.89
C SER B 465 -39.66 13.58 -10.61
N ILE B 466 -38.70 13.06 -11.39
CA ILE B 466 -38.26 11.66 -11.25
C ILE B 466 -36.81 11.56 -10.77
N ILE B 467 -36.57 10.72 -9.75
CA ILE B 467 -35.19 10.51 -9.22
C ILE B 467 -34.90 8.99 -9.25
N VAL B 468 -33.79 8.60 -9.88
CA VAL B 468 -33.38 7.19 -9.99
C VAL B 468 -31.98 7.04 -9.40
N GLN B 469 -31.83 6.17 -8.39
CA GLN B 469 -30.52 5.93 -7.76
C GLN B 469 -29.93 4.57 -8.20
N PHE B 470 -28.79 4.59 -8.90
CA PHE B 470 -28.07 3.38 -9.31
C PHE B 470 -27.29 2.87 -8.09
N SER B 471 -27.15 1.54 -8.00
CA SER B 471 -26.38 0.96 -6.87
C SER B 471 -24.89 1.33 -7.02
N ASP B 472 -24.19 1.57 -5.92
CA ASP B 472 -22.77 1.93 -6.06
C ASP B 472 -21.74 0.78 -6.23
N TYR B 473 -22.25 -0.45 -6.31
CA TYR B 473 -21.36 -1.57 -6.65
C TYR B 473 -22.20 -2.71 -7.20
N ILE B 474 -21.82 -3.22 -8.37
CA ILE B 474 -22.51 -4.34 -9.00
C ILE B 474 -21.50 -5.50 -8.96
N VAL B 475 -21.80 -6.58 -8.28
CA VAL B 475 -20.83 -7.67 -8.24
C VAL B 475 -20.69 -8.39 -9.61
#